data_8OYC
#
_entry.id   8OYC
#
_cell.length_a   70.200
_cell.length_b   117.760
_cell.length_c   170.470
_cell.angle_alpha   90.000
_cell.angle_beta   90.000
_cell.angle_gamma   90.000
#
_symmetry.space_group_name_H-M   'P 21 21 21'
#
loop_
_entity.id
_entity.type
_entity.pdbx_description
1 polymer 'Deoxyribodipyrimidine photo-lyase'
2 polymer 'CPD-COMPRISING OLIGONUCLEOTIDE'
3 polymer COUNTERSTRAND-OLIGONUCLEOTIDE
4 non-polymer 'SULFATE ION'
5 non-polymer 'DIHYDROFLAVINE-ADENINE DINUCLEOTIDE'
6 water water
#
loop_
_entity_poly.entity_id
_entity_poly.type
_entity_poly.pdbx_seq_one_letter_code
_entity_poly.pdbx_strand_id
1 'polypeptide(L)'
;MGSSHHHHHHSSGLVPRGSHMIMNPKRIRALKSGKQGDGPVVYWMSRDQRAEDNWALLFSRAIAKEANVPVVVVFCLTDE
FLEAGIRQYEFMLKGLQELEVSLSRKKIPSFFLRGDPGEKISRFVKDYNAGTLVTDFSPLRIKNQWIEKVISGISIPFFE
VDAHNVVPCWEASQKHEYAAHTFRPKLYALLPEFLEEFPELEPNSVTPELSAGAGMVETLSDVLETGVKALLPERALLKN
KDPLFEPWHFEPGEKAAKKVMESFIADRLDSYGALRNDPTKNMLSNLSPYLHFGQISSQRVVLEVEKAESNPGSKKAFLD
EILIWKEISDNFCYYNPGYDGFESFPSWAKESLNAHRNDVRSHIYTLEEFEAGKTHDPLWNASQMELLSTGKMHGYMRMY
WAKKILEWSESPEKALEIAICLNDRYELDGRDPNGYAGIAWSIGGVHDRAWGEREVTGKIRYMSYEGCKRKFDVKLYIEK
YSALDKLAAALEHHHHHH
;
A,B
2 'polydeoxyribonucleotide' (DA)(DT)(DC)(DG)(DG)(DC)(DT)(DT)(DC)(DG)(DC)(DG)(DC)(DA) C,E
3 'polydeoxyribonucleotide' (DT)(DT)(DG)(DC)(DG)(DC)(DG)(DA)(DA)(DG)(DC)(DC)(DG)(DA) D,F
#
loop_
_chem_comp.id
_chem_comp.type
_chem_comp.name
_chem_comp.formula
DA DNA linking 2'-DEOXYADENOSINE-5'-MONOPHOSPHATE 'C10 H14 N5 O6 P'
DC DNA linking 2'-DEOXYCYTIDINE-5'-MONOPHOSPHATE 'C9 H14 N3 O7 P'
DG DNA linking 2'-DEOXYGUANOSINE-5'-MONOPHOSPHATE 'C10 H14 N5 O7 P'
DT DNA linking THYMIDINE-5'-MONOPHOSPHATE 'C10 H15 N2 O8 P'
FDA non-polymer 'DIHYDROFLAVINE-ADENINE DINUCLEOTIDE' 'C27 H35 N9 O15 P2'
SO4 non-polymer 'SULFATE ION' 'O4 S -2'
#
# COMPACT_ATOMS: atom_id res chain seq x y z
N ILE A 22 -16.47 -32.84 26.71
CA ILE A 22 -17.66 -32.01 26.58
C ILE A 22 -17.32 -30.57 27.01
N MET A 23 -17.57 -29.59 26.15
CA MET A 23 -17.18 -28.19 26.35
C MET A 23 -18.33 -27.24 25.99
N ASN A 24 -18.13 -25.94 26.24
CA ASN A 24 -19.16 -24.92 25.96
C ASN A 24 -19.42 -24.88 24.46
N PRO A 25 -20.65 -25.08 23.99
CA PRO A 25 -20.89 -25.07 22.53
C PRO A 25 -20.87 -23.68 21.88
N LYS A 26 -21.07 -22.60 22.62
CA LYS A 26 -21.00 -21.28 21.99
C LYS A 26 -19.57 -20.99 21.52
N ARG A 27 -18.70 -21.97 21.66
CA ARG A 27 -17.38 -21.88 21.07
C ARG A 27 -17.34 -22.40 19.63
N ILE A 28 -18.48 -22.76 19.03
CA ILE A 28 -18.48 -23.49 17.76
C ILE A 28 -19.45 -22.86 16.78
N ARG A 29 -19.09 -22.92 15.51
CA ARG A 29 -19.92 -22.35 14.45
C ARG A 29 -19.97 -23.30 13.29
N ALA A 30 -21.20 -23.72 12.90
CA ALA A 30 -21.39 -24.57 11.75
C ALA A 30 -21.07 -23.82 10.45
N LEU A 31 -19.97 -24.19 9.78
CA LEU A 31 -19.69 -23.61 8.48
C LEU A 31 -20.53 -24.28 7.38
N LYS A 32 -20.27 -25.54 7.06
CA LYS A 32 -21.04 -26.26 6.08
C LYS A 32 -21.93 -27.25 6.80
N SER A 33 -23.21 -26.94 6.89
CA SER A 33 -24.19 -27.89 7.36
C SER A 33 -24.13 -29.15 6.48
N GLY A 34 -24.00 -30.31 7.12
CA GLY A 34 -23.79 -31.54 6.35
C GLY A 34 -24.05 -32.78 7.17
N LYS A 35 -23.83 -33.93 6.52
CA LYS A 35 -24.07 -35.24 7.10
C LYS A 35 -22.75 -35.96 7.33
N GLN A 36 -22.63 -36.60 8.49
CA GLN A 36 -21.32 -37.01 9.00
C GLN A 36 -20.66 -38.06 8.10
N GLY A 37 -19.35 -37.84 7.81
CA GLY A 37 -18.58 -38.82 7.06
C GLY A 37 -18.03 -39.94 7.94
N ASP A 38 -17.45 -40.94 7.30
CA ASP A 38 -17.06 -42.16 7.99
C ASP A 38 -15.64 -42.14 8.51
N GLY A 39 -14.78 -41.27 7.99
CA GLY A 39 -13.38 -41.32 8.30
C GLY A 39 -12.94 -40.41 9.44
N PRO A 40 -11.64 -40.14 9.48
CA PRO A 40 -11.10 -39.36 10.59
C PRO A 40 -11.71 -37.96 10.65
N VAL A 41 -11.84 -37.46 11.87
CA VAL A 41 -12.07 -36.03 12.07
C VAL A 41 -10.74 -35.30 11.88
N VAL A 42 -10.77 -34.27 11.04
CA VAL A 42 -9.56 -33.61 10.54
C VAL A 42 -9.52 -32.17 11.05
N TYR A 43 -8.51 -31.86 11.85
CA TYR A 43 -8.32 -30.50 12.37
C TYR A 43 -7.42 -29.74 11.40
N TRP A 44 -8.00 -28.77 10.71
CA TRP A 44 -7.24 -27.85 9.87
C TRP A 44 -6.70 -26.77 10.79
N MET A 45 -5.47 -27.00 11.29
CA MET A 45 -4.84 -26.04 12.16
C MET A 45 -4.48 -24.78 11.37
N SER A 46 -4.54 -23.63 12.03
CA SER A 46 -4.13 -22.44 11.30
C SER A 46 -3.56 -21.39 12.22
N ARG A 47 -4.45 -20.77 12.99
CA ARG A 47 -4.06 -19.73 13.93
C ARG A 47 -3.42 -20.31 15.19
N ASP A 48 -3.97 -21.40 15.73
CA ASP A 48 -3.62 -21.87 17.06
C ASP A 48 -2.68 -23.06 16.95
N GLN A 49 -1.37 -22.76 16.89
CA GLN A 49 -0.34 -23.78 16.66
C GLN A 49 0.16 -24.30 18.01
N ARG A 50 -0.66 -25.16 18.62
CA ARG A 50 -0.37 -25.73 19.93
C ARG A 50 -1.20 -26.99 20.15
N ALA A 51 -0.73 -27.84 21.05
CA ALA A 51 -1.45 -29.04 21.43
C ALA A 51 -2.18 -28.89 22.77
N GLU A 52 -1.59 -28.22 23.74
CA GLU A 52 -2.32 -28.02 24.97
C GLU A 52 -3.18 -26.78 24.82
N ASP A 53 -4.25 -26.71 25.62
CA ASP A 53 -5.07 -25.52 25.72
C ASP A 53 -5.55 -25.06 24.34
N ASN A 54 -6.18 -25.97 23.61
CA ASN A 54 -6.70 -25.69 22.29
C ASN A 54 -8.13 -26.21 22.20
N TRP A 55 -9.12 -25.32 22.15
CA TRP A 55 -10.51 -25.78 22.13
C TRP A 55 -10.89 -26.37 20.78
N ALA A 56 -10.23 -25.92 19.72
CA ALA A 56 -10.45 -26.52 18.40
C ALA A 56 -10.02 -27.97 18.40
N LEU A 57 -8.74 -28.24 18.75
CA LEU A 57 -8.25 -29.60 18.87
C LEU A 57 -9.05 -30.38 19.91
N LEU A 58 -9.52 -29.73 20.99
CA LEU A 58 -10.23 -30.49 22.02
C LEU A 58 -11.59 -30.96 21.54
N PHE A 59 -12.22 -30.20 20.65
CA PHE A 59 -13.54 -30.56 20.14
C PHE A 59 -13.43 -31.63 19.07
N SER A 60 -12.43 -31.51 18.19
CA SER A 60 -12.21 -32.51 17.16
C SER A 60 -11.86 -33.86 17.77
N ARG A 61 -11.13 -33.87 18.91
CA ARG A 61 -10.90 -35.11 19.62
C ARG A 61 -12.19 -35.67 20.19
N ALA A 62 -13.08 -34.78 20.62
CA ALA A 62 -14.35 -35.25 21.20
C ALA A 62 -15.28 -35.78 20.14
N ILE A 63 -15.35 -35.14 18.97
CA ILE A 63 -16.18 -35.75 17.95
C ILE A 63 -15.47 -36.95 17.31
N ALA A 64 -14.13 -36.96 17.28
CA ALA A 64 -13.43 -38.18 16.91
C ALA A 64 -13.78 -39.34 17.83
N LYS A 65 -14.02 -39.07 19.12
CA LYS A 65 -14.28 -40.17 20.03
C LYS A 65 -15.70 -40.71 19.91
N GLU A 66 -16.69 -39.87 19.62
CA GLU A 66 -18.06 -40.38 19.50
C GLU A 66 -18.27 -41.09 18.16
N ALA A 67 -17.49 -40.77 17.14
CA ALA A 67 -17.53 -41.51 15.88
C ALA A 67 -16.56 -42.69 15.86
N ASN A 68 -15.81 -42.90 16.95
CA ASN A 68 -14.82 -43.98 17.05
C ASN A 68 -13.86 -43.96 15.86
N VAL A 69 -13.42 -42.76 15.51
CA VAL A 69 -12.40 -42.58 14.47
C VAL A 69 -11.23 -41.87 15.12
N PRO A 70 -10.03 -42.00 14.55
CA PRO A 70 -8.92 -41.18 15.04
C PRO A 70 -9.10 -39.74 14.59
N VAL A 71 -8.43 -38.83 15.31
CA VAL A 71 -8.37 -37.41 14.92
C VAL A 71 -6.97 -37.10 14.41
N VAL A 72 -6.89 -36.46 13.25
CA VAL A 72 -5.61 -36.05 12.68
C VAL A 72 -5.62 -34.54 12.50
N VAL A 73 -4.43 -33.95 12.47
CA VAL A 73 -4.24 -32.51 12.31
C VAL A 73 -3.60 -32.27 10.95
N VAL A 74 -4.02 -31.20 10.26
CA VAL A 74 -3.45 -30.87 8.96
C VAL A 74 -3.14 -29.38 8.90
N PHE A 75 -1.91 -29.05 8.54
CA PHE A 75 -1.46 -27.67 8.49
C PHE A 75 -1.07 -27.35 7.05
N CYS A 76 -1.41 -26.14 6.60
CA CYS A 76 -1.05 -25.69 5.25
C CYS A 76 -0.02 -24.59 5.33
N LEU A 77 1.04 -24.70 4.52
CA LEU A 77 2.15 -23.74 4.49
C LEU A 77 2.00 -22.88 3.23
N THR A 78 1.41 -21.70 3.39
CA THR A 78 1.13 -20.83 2.27
C THR A 78 2.37 -20.07 1.84
N ASP A 79 2.33 -19.57 0.61
CA ASP A 79 3.40 -18.78 0.05
C ASP A 79 3.41 -17.34 0.57
N GLU A 80 2.66 -17.07 1.64
CA GLU A 80 2.70 -15.78 2.31
C GLU A 80 3.98 -15.56 3.06
N PHE A 81 4.83 -16.58 3.17
CA PHE A 81 6.04 -16.40 3.95
C PHE A 81 7.01 -15.48 3.21
N LEU A 82 6.96 -15.46 1.88
CA LEU A 82 7.80 -14.52 1.14
C LEU A 82 7.36 -13.07 1.27
N GLU A 83 6.29 -12.76 1.99
CA GLU A 83 6.02 -11.36 2.31
C GLU A 83 6.76 -10.93 3.56
N ALA A 84 7.10 -11.87 4.43
CA ALA A 84 7.77 -11.57 5.68
C ALA A 84 9.27 -11.90 5.52
N GLY A 85 9.97 -12.03 6.65
CA GLY A 85 11.37 -12.41 6.66
C GLY A 85 11.62 -13.78 7.31
N ILE A 86 12.90 -14.16 7.30
CA ILE A 86 13.34 -15.40 7.93
C ILE A 86 12.94 -15.43 9.39
N ARG A 87 12.97 -14.28 10.07
CA ARG A 87 12.69 -14.26 11.49
C ARG A 87 11.33 -14.90 11.78
N GLN A 88 10.26 -14.43 11.12
CA GLN A 88 8.94 -15.01 11.36
C GLN A 88 8.89 -16.48 10.91
N TYR A 89 9.39 -16.75 9.70
CA TYR A 89 9.33 -18.08 9.11
C TYR A 89 10.06 -19.12 9.93
N GLU A 90 11.17 -18.76 10.59
CA GLU A 90 11.89 -19.72 11.41
C GLU A 90 11.24 -19.92 12.78
N PHE A 91 10.85 -18.82 13.44
CA PHE A 91 10.10 -18.89 14.69
C PHE A 91 8.97 -19.89 14.59
N MET A 92 8.26 -19.88 13.47
CA MET A 92 7.09 -20.73 13.33
C MET A 92 7.49 -22.14 12.87
N LEU A 93 8.47 -22.24 11.96
CA LEU A 93 8.89 -23.55 11.50
C LEU A 93 9.57 -24.33 12.62
N LYS A 94 10.32 -23.67 13.47
CA LYS A 94 10.83 -24.39 14.63
C LYS A 94 9.71 -24.71 15.60
N GLY A 95 8.68 -23.85 15.65
CA GLY A 95 7.51 -24.12 16.47
C GLY A 95 6.72 -25.33 16.00
N LEU A 96 6.43 -25.40 14.70
CA LEU A 96 5.78 -26.58 14.16
C LEU A 96 6.60 -27.85 14.41
N GLN A 97 7.92 -27.74 14.32
CA GLN A 97 8.72 -28.94 14.53
C GLN A 97 8.54 -29.51 15.93
N GLU A 98 8.18 -28.67 16.91
CA GLU A 98 8.09 -29.18 18.28
C GLU A 98 6.70 -29.73 18.58
N LEU A 99 5.68 -29.01 18.16
CA LEU A 99 4.33 -29.55 18.11
C LEU A 99 4.28 -30.93 17.45
N GLU A 100 4.98 -31.09 16.33
CA GLU A 100 4.96 -32.37 15.63
C GLU A 100 5.37 -33.51 16.55
N VAL A 101 6.43 -33.31 17.31
CA VAL A 101 6.79 -34.34 18.29
C VAL A 101 5.73 -34.41 19.38
N SER A 102 5.09 -33.29 19.68
CA SER A 102 4.14 -33.31 20.80
C SER A 102 2.86 -34.00 20.41
N LEU A 103 2.37 -33.75 19.19
CA LEU A 103 1.16 -34.42 18.74
C LEU A 103 1.39 -35.93 18.64
N SER A 104 2.56 -36.33 18.15
CA SER A 104 2.81 -37.75 17.92
C SER A 104 2.70 -38.55 19.22
N ARG A 105 3.08 -37.94 20.35
CA ARG A 105 3.04 -38.67 21.60
C ARG A 105 1.61 -39.06 22.00
N LYS A 106 0.61 -38.24 21.64
CA LYS A 106 -0.78 -38.61 21.86
C LYS A 106 -1.36 -39.36 20.69
N LYS A 107 -0.52 -39.95 19.86
CA LYS A 107 -0.95 -40.76 18.73
C LYS A 107 -1.75 -39.95 17.72
N ILE A 108 -1.51 -38.64 17.63
CA ILE A 108 -2.20 -37.83 16.63
C ILE A 108 -1.22 -37.47 15.51
N PRO A 109 -1.32 -38.09 14.33
CA PRO A 109 -0.40 -37.75 13.24
C PRO A 109 -0.63 -36.34 12.77
N SER A 110 0.44 -35.75 12.24
CA SER A 110 0.41 -34.39 11.73
C SER A 110 0.82 -34.41 10.26
N PHE A 111 0.00 -33.79 9.42
CA PHE A 111 0.25 -33.67 7.99
C PHE A 111 0.53 -32.22 7.65
N PHE A 112 1.55 -32.00 6.82
CA PHE A 112 2.00 -30.66 6.46
C PHE A 112 1.88 -30.50 4.94
N LEU A 113 0.76 -29.92 4.50
CA LEU A 113 0.54 -29.55 3.12
C LEU A 113 1.26 -28.25 2.80
N ARG A 114 1.40 -27.94 1.50
CA ARG A 114 2.40 -26.97 1.05
C ARG A 114 1.86 -26.28 -0.22
N GLY A 115 0.96 -25.32 -0.02
CA GLY A 115 0.29 -24.73 -1.16
C GLY A 115 -0.88 -23.87 -0.73
N ASP A 116 -1.77 -23.62 -1.69
CA ASP A 116 -2.90 -22.72 -1.48
C ASP A 116 -4.07 -23.49 -0.86
N PRO A 117 -4.59 -23.06 0.30
CA PRO A 117 -5.54 -23.90 1.05
C PRO A 117 -6.84 -24.21 0.33
N GLY A 118 -7.37 -23.26 -0.44
CA GLY A 118 -8.64 -23.48 -1.11
C GLY A 118 -8.60 -24.73 -1.97
N GLU A 119 -7.49 -24.96 -2.64
CA GLU A 119 -7.30 -26.18 -3.40
C GLU A 119 -6.78 -27.32 -2.54
N LYS A 120 -5.82 -27.03 -1.65
CA LYS A 120 -5.04 -28.08 -1.02
C LYS A 120 -5.81 -28.77 0.12
N ILE A 121 -6.43 -28.01 1.02
CA ILE A 121 -7.22 -28.64 2.09
C ILE A 121 -8.35 -29.47 1.49
N SER A 122 -9.16 -28.86 0.62
CA SER A 122 -10.34 -29.53 0.09
C SER A 122 -9.98 -30.78 -0.70
N ARG A 123 -8.75 -30.88 -1.20
CA ARG A 123 -8.30 -32.13 -1.81
C ARG A 123 -7.59 -33.03 -0.80
N PHE A 124 -7.12 -32.51 0.32
CA PHE A 124 -6.74 -33.43 1.37
C PHE A 124 -7.96 -34.18 1.89
N VAL A 125 -9.06 -33.46 2.05
CA VAL A 125 -10.28 -34.03 2.60
C VAL A 125 -10.75 -35.21 1.76
N LYS A 126 -10.60 -35.09 0.43
CA LYS A 126 -10.93 -36.19 -0.46
C LYS A 126 -9.96 -37.35 -0.28
N ASP A 127 -8.66 -37.13 -0.53
CA ASP A 127 -7.66 -38.19 -0.43
C ASP A 127 -7.72 -38.92 0.90
N TYR A 128 -8.30 -38.31 1.92
CA TYR A 128 -8.28 -38.86 3.27
C TYR A 128 -9.63 -39.29 3.79
N ASN A 129 -10.70 -39.16 3.00
CA ASN A 129 -12.01 -39.73 3.36
C ASN A 129 -12.53 -39.16 4.68
N ALA A 130 -12.05 -37.97 5.05
CA ALA A 130 -12.37 -37.35 6.33
C ALA A 130 -13.86 -37.40 6.64
N GLY A 131 -14.19 -37.72 7.90
CA GLY A 131 -15.55 -37.71 8.40
C GLY A 131 -16.20 -36.33 8.51
N THR A 132 -15.49 -35.37 9.11
CA THR A 132 -15.94 -33.98 9.31
C THR A 132 -14.71 -33.09 9.43
N LEU A 133 -14.90 -31.77 9.25
CA LEU A 133 -13.77 -30.84 9.12
C LEU A 133 -13.89 -29.68 10.09
N VAL A 134 -12.80 -29.40 10.83
CA VAL A 134 -12.80 -28.36 11.85
C VAL A 134 -11.60 -27.44 11.65
N THR A 135 -11.81 -26.12 11.86
CA THR A 135 -10.70 -25.17 11.86
C THR A 135 -10.84 -24.17 13.01
N ASP A 136 -9.74 -23.44 13.27
CA ASP A 136 -9.75 -22.39 14.30
C ASP A 136 -10.29 -21.09 13.68
N PHE A 137 -10.34 -20.03 14.48
CA PHE A 137 -11.00 -18.79 14.06
C PHE A 137 -9.97 -17.68 13.85
N SER A 138 -9.96 -17.13 12.66
CA SER A 138 -9.24 -15.90 12.37
C SER A 138 -10.21 -14.92 11.77
N PRO A 139 -10.11 -13.64 12.12
CA PRO A 139 -10.88 -12.61 11.43
C PRO A 139 -10.16 -12.00 10.23
N LEU A 140 -8.95 -12.43 9.91
CA LEU A 140 -8.26 -11.87 8.78
C LEU A 140 -8.95 -12.28 7.48
N ARG A 141 -8.97 -11.35 6.52
CA ARG A 141 -9.78 -11.50 5.29
C ARG A 141 -9.41 -12.77 4.54
N ILE A 142 -8.12 -13.11 4.49
CA ILE A 142 -7.69 -14.16 3.60
C ILE A 142 -8.17 -15.52 4.09
N LYS A 143 -8.16 -15.74 5.40
CA LYS A 143 -8.69 -16.98 5.96
C LYS A 143 -10.13 -17.18 5.55
N ASN A 144 -10.96 -16.14 5.72
CA ASN A 144 -12.36 -16.33 5.37
C ASN A 144 -12.50 -16.63 3.88
N GLN A 145 -11.67 -16.00 3.04
CA GLN A 145 -11.70 -16.28 1.61
C GLN A 145 -11.44 -17.75 1.35
N TRP A 146 -10.51 -18.33 2.11
CA TRP A 146 -10.17 -19.74 1.95
C TRP A 146 -11.31 -20.65 2.36
N ILE A 147 -11.93 -20.34 3.49
CA ILE A 147 -13.03 -21.15 4.01
C ILE A 147 -14.12 -21.33 2.95
N GLU A 148 -14.65 -20.22 2.45
CA GLU A 148 -15.68 -20.29 1.44
C GLU A 148 -15.21 -21.08 0.21
N LYS A 149 -13.91 -21.12 -0.06
CA LYS A 149 -13.43 -22.00 -1.12
C LYS A 149 -13.53 -23.45 -0.68
N VAL A 150 -13.02 -23.74 0.53
CA VAL A 150 -13.09 -25.08 1.09
C VAL A 150 -14.54 -25.56 1.16
N ILE A 151 -15.45 -24.69 1.64
CA ILE A 151 -16.87 -25.02 1.77
C ILE A 151 -17.45 -25.45 0.41
N SER A 152 -17.21 -24.64 -0.62
CA SER A 152 -17.79 -25.00 -1.92
C SER A 152 -17.30 -26.36 -2.42
N GLY A 153 -16.20 -26.89 -1.88
CA GLY A 153 -15.67 -28.13 -2.40
C GLY A 153 -15.49 -29.26 -1.41
N ILE A 154 -16.34 -29.34 -0.39
CA ILE A 154 -16.36 -30.47 0.54
C ILE A 154 -17.80 -30.95 0.66
N SER A 155 -17.95 -32.25 0.93
CA SER A 155 -19.23 -32.89 1.14
C SER A 155 -19.58 -32.97 2.62
N ILE A 156 -18.57 -33.21 3.44
CA ILE A 156 -18.71 -33.41 4.88
C ILE A 156 -18.97 -32.07 5.55
N PRO A 157 -19.60 -32.05 6.72
CA PRO A 157 -19.77 -30.78 7.44
C PRO A 157 -18.41 -30.18 7.84
N PHE A 158 -18.47 -28.91 8.22
CA PHE A 158 -17.29 -28.08 8.38
C PHE A 158 -17.52 -27.22 9.62
N PHE A 159 -16.66 -27.38 10.63
CA PHE A 159 -16.88 -26.69 11.90
C PHE A 159 -15.75 -25.71 12.21
N GLU A 160 -16.12 -24.64 12.92
CA GLU A 160 -15.20 -23.57 13.29
C GLU A 160 -15.29 -23.35 14.80
N VAL A 161 -14.13 -23.20 15.45
CA VAL A 161 -14.03 -23.04 16.91
C VAL A 161 -13.14 -21.85 17.23
N ASP A 162 -13.61 -20.97 18.12
CA ASP A 162 -12.78 -19.88 18.65
C ASP A 162 -11.93 -20.45 19.78
N ALA A 163 -10.68 -20.77 19.45
CA ALA A 163 -9.67 -21.21 20.39
C ALA A 163 -8.70 -20.08 20.77
N HIS A 164 -8.87 -18.88 20.23
CA HIS A 164 -7.92 -17.80 20.42
C HIS A 164 -8.39 -16.74 21.41
N ASN A 165 -9.68 -16.47 21.46
CA ASN A 165 -10.21 -15.55 22.45
C ASN A 165 -10.80 -16.35 23.61
N VAL A 166 -10.85 -15.70 24.76
CA VAL A 166 -11.49 -16.31 25.91
C VAL A 166 -12.97 -16.42 25.58
N VAL A 167 -13.63 -15.28 25.45
CA VAL A 167 -15.01 -15.23 25.02
C VAL A 167 -15.00 -15.29 23.51
N PRO A 168 -15.85 -16.10 22.90
CA PRO A 168 -15.83 -16.20 21.42
C PRO A 168 -16.20 -14.88 20.76
N CYS A 169 -15.42 -14.52 19.73
CA CYS A 169 -15.60 -13.25 19.04
C CYS A 169 -17.06 -12.96 18.70
N TRP A 170 -17.79 -13.96 18.18
CA TRP A 170 -19.15 -13.70 17.73
C TRP A 170 -20.17 -13.76 18.86
N GLU A 171 -19.75 -14.15 20.06
CA GLU A 171 -20.59 -14.08 21.24
C GLU A 171 -20.35 -12.83 22.06
N ALA A 172 -19.09 -12.36 22.14
CA ALA A 172 -18.80 -11.18 22.94
C ALA A 172 -19.71 -10.01 22.57
N SER A 173 -19.74 -9.66 21.29
CA SER A 173 -20.63 -8.61 20.82
C SER A 173 -20.88 -8.79 19.35
N GLN A 174 -22.12 -8.56 18.92
CA GLN A 174 -22.52 -8.78 17.53
C GLN A 174 -22.35 -7.55 16.65
N LYS A 175 -21.62 -6.54 17.10
CA LYS A 175 -21.45 -5.34 16.30
C LYS A 175 -20.06 -4.78 16.51
N HIS A 176 -19.74 -3.75 15.75
CA HIS A 176 -18.49 -3.03 15.94
C HIS A 176 -18.55 -2.23 17.25
N GLU A 177 -17.54 -2.44 18.10
CA GLU A 177 -17.48 -1.71 19.36
C GLU A 177 -16.67 -0.44 19.16
N TYR A 178 -17.24 0.66 19.63
CA TYR A 178 -16.66 1.98 19.43
C TYR A 178 -15.47 2.21 20.33
N ALA A 179 -15.48 1.69 21.55
CA ALA A 179 -14.42 1.98 22.50
C ALA A 179 -14.29 0.83 23.48
N ALA A 180 -13.15 0.80 24.18
CA ALA A 180 -12.93 -0.18 25.23
C ALA A 180 -14.02 -0.12 26.28
N HIS A 181 -14.45 1.08 26.69
CA HIS A 181 -15.44 1.12 27.75
C HIS A 181 -16.83 0.66 27.28
N THR A 182 -17.06 0.57 25.98
CA THR A 182 -18.34 0.00 25.56
C THR A 182 -18.29 -1.51 25.58
N PHE A 183 -17.16 -2.05 25.13
CA PHE A 183 -16.97 -3.48 25.03
C PHE A 183 -16.66 -4.13 26.37
N ARG A 184 -16.07 -3.36 27.28
CA ARG A 184 -15.59 -3.89 28.56
C ARG A 184 -16.71 -4.48 29.40
N PRO A 185 -17.85 -3.81 29.61
CA PRO A 185 -18.95 -4.49 30.28
C PRO A 185 -19.35 -5.76 29.56
N LYS A 186 -19.57 -5.70 28.25
CA LYS A 186 -20.05 -6.87 27.52
C LYS A 186 -19.11 -8.05 27.70
N LEU A 187 -17.80 -7.82 27.63
CA LEU A 187 -16.89 -8.94 27.78
C LEU A 187 -16.88 -9.46 29.21
N TYR A 188 -16.96 -8.56 30.20
CA TYR A 188 -16.77 -8.94 31.59
C TYR A 188 -17.97 -9.64 32.20
N ALA A 189 -19.18 -9.39 31.69
CA ALA A 189 -20.33 -10.17 32.13
C ALA A 189 -20.35 -11.54 31.48
N LEU A 190 -19.47 -11.79 30.51
CA LEU A 190 -19.33 -13.11 29.93
C LEU A 190 -18.14 -13.86 30.48
N LEU A 191 -17.34 -13.23 31.33
CA LEU A 191 -16.14 -13.89 31.83
C LEU A 191 -16.47 -15.05 32.76
N PRO A 192 -17.42 -14.95 33.69
CA PRO A 192 -17.69 -16.12 34.54
C PRO A 192 -18.02 -17.36 33.75
N GLU A 193 -18.77 -17.24 32.66
CA GLU A 193 -19.24 -18.41 31.92
C GLU A 193 -18.18 -19.00 31.02
N PHE A 194 -17.18 -18.22 30.61
CA PHE A 194 -16.20 -18.72 29.66
C PHE A 194 -14.78 -18.82 30.20
N LEU A 195 -14.45 -18.10 31.26
CA LEU A 195 -13.12 -18.24 31.85
C LEU A 195 -13.15 -19.48 32.72
N GLU A 196 -12.88 -20.62 32.08
CA GLU A 196 -12.89 -21.94 32.71
C GLU A 196 -11.58 -22.65 32.36
N GLU A 197 -11.30 -23.72 33.09
CA GLU A 197 -10.07 -24.44 32.86
C GLU A 197 -10.23 -25.38 31.64
N PHE A 198 -9.12 -25.91 31.16
CA PHE A 198 -8.98 -26.81 30.03
C PHE A 198 -8.96 -28.26 30.49
N PRO A 199 -9.65 -29.16 29.78
CA PRO A 199 -9.53 -30.59 30.08
C PRO A 199 -8.31 -31.13 29.35
N GLU A 200 -8.12 -32.44 29.47
CA GLU A 200 -6.95 -33.06 28.87
C GLU A 200 -7.25 -33.50 27.44
N LEU A 201 -6.25 -33.35 26.58
CA LEU A 201 -6.29 -33.95 25.25
C LEU A 201 -6.06 -35.46 25.40
N GLU A 202 -7.14 -36.23 25.31
CA GLU A 202 -7.04 -37.69 25.36
C GLU A 202 -6.34 -38.22 24.12
N PRO A 203 -5.30 -39.03 24.27
CA PRO A 203 -4.55 -39.48 23.09
C PRO A 203 -5.42 -40.38 22.23
N ASN A 204 -5.14 -40.35 20.92
CA ASN A 204 -5.85 -41.22 20.00
C ASN A 204 -5.83 -42.66 20.52
N SER A 205 -6.94 -43.37 20.30
CA SER A 205 -6.97 -44.80 20.53
C SER A 205 -6.95 -45.57 19.23
N VAL A 206 -7.51 -44.98 18.16
CA VAL A 206 -7.37 -45.54 16.81
C VAL A 206 -6.04 -45.08 16.24
N THR A 207 -5.14 -46.05 15.99
CA THR A 207 -3.95 -45.51 15.34
C THR A 207 -4.11 -45.59 13.83
N PRO A 208 -3.69 -44.53 13.11
CA PRO A 208 -4.14 -44.36 11.72
C PRO A 208 -3.10 -44.75 10.70
N GLU A 209 -3.49 -44.79 9.42
CA GLU A 209 -2.56 -45.07 8.31
C GLU A 209 -1.41 -44.05 8.25
N GLU A 218 5.41 -33.60 2.62
CA GLU A 218 6.86 -33.74 2.80
C GLU A 218 7.34 -33.27 4.19
N THR A 219 8.67 -33.29 4.40
CA THR A 219 9.26 -33.19 5.74
C THR A 219 9.63 -31.76 6.10
N LEU A 220 9.44 -31.41 7.38
CA LEU A 220 9.60 -30.03 7.85
C LEU A 220 11.04 -29.54 7.83
N SER A 221 12.02 -30.45 7.73
CA SER A 221 13.41 -30.05 7.59
C SER A 221 13.64 -29.33 6.27
N ASP A 222 13.42 -30.05 5.16
CA ASP A 222 13.62 -29.45 3.84
C ASP A 222 12.78 -28.19 3.65
N VAL A 223 11.52 -28.20 4.14
CA VAL A 223 10.64 -27.04 3.99
C VAL A 223 11.21 -25.81 4.68
N LEU A 224 11.87 -26.01 5.82
CA LEU A 224 12.60 -24.91 6.45
C LEU A 224 13.81 -24.52 5.61
N GLU A 225 14.65 -25.51 5.25
CA GLU A 225 15.78 -25.22 4.38
C GLU A 225 15.34 -24.55 3.08
N THR A 226 14.26 -25.05 2.47
CA THR A 226 13.76 -24.46 1.24
C THR A 226 13.29 -23.02 1.43
N GLY A 227 12.50 -22.77 2.48
CA GLY A 227 11.99 -21.43 2.68
C GLY A 227 13.08 -20.44 3.05
N VAL A 228 14.07 -20.90 3.82
CA VAL A 228 15.16 -20.01 4.19
C VAL A 228 15.94 -19.61 2.96
N LYS A 229 16.25 -20.58 2.09
CA LYS A 229 16.94 -20.24 0.85
C LYS A 229 16.15 -19.23 0.02
N ALA A 230 14.83 -19.37 -0.04
CA ALA A 230 14.04 -18.38 -0.75
C ALA A 230 14.26 -16.99 -0.19
N LEU A 231 14.22 -16.85 1.14
CA LEU A 231 14.18 -15.53 1.78
C LEU A 231 15.55 -14.90 1.95
N LEU A 232 16.63 -15.67 1.79
CA LEU A 232 17.99 -15.15 2.03
C LEU A 232 18.32 -13.91 1.22
N PRO A 233 18.05 -13.83 -0.10
CA PRO A 233 18.39 -12.60 -0.84
C PRO A 233 17.88 -11.32 -0.18
N GLU A 234 16.86 -11.46 0.65
CA GLU A 234 16.13 -10.34 1.23
C GLU A 234 16.55 -10.00 2.66
N ARG A 235 17.36 -10.84 3.29
CA ARG A 235 17.64 -10.67 4.70
C ARG A 235 18.16 -9.27 5.01
N ALA A 236 17.80 -8.74 6.19
CA ALA A 236 18.26 -7.43 6.64
C ALA A 236 19.66 -7.54 7.20
N LEU A 237 20.65 -7.11 6.44
CA LEU A 237 22.04 -7.23 6.86
C LEU A 237 22.55 -5.94 7.50
N LEU A 238 23.63 -6.08 8.26
CA LEU A 238 24.45 -4.94 8.65
C LEU A 238 25.57 -4.77 7.62
N LYS A 239 26.13 -3.56 7.60
CA LYS A 239 27.19 -3.15 6.68
C LYS A 239 28.21 -4.28 6.55
N ASN A 240 28.52 -4.90 7.67
CA ASN A 240 29.53 -5.94 7.75
C ASN A 240 29.01 -7.30 7.36
N LYS A 241 27.93 -7.32 6.59
CA LYS A 241 27.35 -8.48 5.92
C LYS A 241 26.80 -9.52 6.89
N ASP A 242 26.81 -9.25 8.19
CA ASP A 242 26.13 -10.03 9.22
C ASP A 242 24.69 -9.53 9.38
N PRO A 243 23.75 -10.40 9.75
CA PRO A 243 22.34 -10.01 9.81
C PRO A 243 22.04 -9.10 10.99
N LEU A 244 20.94 -8.38 10.86
CA LEU A 244 20.47 -7.55 11.95
C LEU A 244 19.81 -8.36 13.05
N PHE A 245 18.99 -9.34 12.67
CA PHE A 245 18.05 -9.89 13.63
C PHE A 245 18.77 -10.81 14.60
N GLU A 246 18.48 -10.64 15.86
CA GLU A 246 19.14 -11.41 16.90
C GLU A 246 18.15 -12.44 17.38
N PRO A 247 18.36 -13.71 17.08
CA PRO A 247 17.31 -14.70 17.30
C PRO A 247 17.25 -15.27 18.71
N TRP A 248 17.83 -14.58 19.70
CA TRP A 248 18.01 -15.18 21.02
C TRP A 248 17.16 -14.54 22.12
N HIS A 249 16.31 -13.58 21.77
CA HIS A 249 15.43 -12.92 22.71
C HIS A 249 14.13 -13.67 22.91
N PHE A 250 13.79 -14.59 22.01
CA PHE A 250 12.55 -15.35 22.13
C PHE A 250 12.80 -16.73 21.54
N GLU A 251 13.08 -17.73 22.39
CA GLU A 251 13.01 -19.10 21.90
C GLU A 251 11.59 -19.40 21.44
N PRO A 252 11.44 -20.04 20.29
CA PRO A 252 10.11 -20.37 19.81
C PRO A 252 9.66 -21.70 20.40
N GLY A 253 8.36 -21.82 20.62
CA GLY A 253 7.74 -23.10 20.90
C GLY A 253 6.76 -23.09 22.08
N GLU A 254 5.93 -24.13 22.14
CA GLU A 254 5.02 -24.32 23.27
C GLU A 254 5.80 -24.37 24.59
N LYS A 255 6.84 -25.21 24.66
CA LYS A 255 7.67 -25.27 25.86
C LYS A 255 8.27 -23.90 26.22
N ALA A 256 8.95 -23.25 25.28
CA ALA A 256 9.59 -21.97 25.63
C ALA A 256 8.57 -20.93 26.08
N ALA A 257 7.42 -20.84 25.38
CA ALA A 257 6.34 -19.93 25.76
C ALA A 257 5.94 -20.07 27.24
N LYS A 258 5.85 -21.30 27.75
CA LYS A 258 5.37 -21.49 29.11
C LYS A 258 6.34 -20.86 30.10
N LYS A 259 7.63 -21.06 29.86
CA LYS A 259 8.64 -20.53 30.77
C LYS A 259 8.70 -19.02 30.68
N VAL A 260 8.15 -18.44 29.62
CA VAL A 260 7.97 -16.99 29.55
C VAL A 260 6.76 -16.55 30.36
N MET A 261 5.60 -17.17 30.13
CA MET A 261 4.44 -16.86 30.95
C MET A 261 4.74 -17.07 32.43
N GLU A 262 5.62 -18.02 32.75
CA GLU A 262 5.84 -18.32 34.16
C GLU A 262 6.81 -17.33 34.76
N SER A 263 7.87 -17.00 34.03
CA SER A 263 8.83 -16.00 34.50
C SER A 263 8.17 -14.65 34.64
N PHE A 264 7.17 -14.36 33.78
CA PHE A 264 6.44 -13.10 33.85
C PHE A 264 5.64 -13.01 35.12
N ILE A 265 4.79 -14.00 35.38
CA ILE A 265 3.99 -14.02 36.60
C ILE A 265 4.89 -13.99 37.83
N ALA A 266 6.15 -14.41 37.70
CA ALA A 266 7.04 -14.41 38.87
C ALA A 266 7.86 -13.13 38.98
N ASP A 267 8.50 -12.70 37.89
CA ASP A 267 9.44 -11.60 37.96
C ASP A 267 8.82 -10.23 37.69
N ARG A 268 7.82 -10.13 36.82
CA ARG A 268 7.42 -8.85 36.24
C ARG A 268 6.01 -8.39 36.57
N LEU A 269 5.02 -9.29 36.56
CA LEU A 269 3.63 -8.90 36.74
C LEU A 269 3.43 -8.01 37.95
N ASP A 270 4.15 -8.24 39.03
CA ASP A 270 3.87 -7.43 40.21
C ASP A 270 4.11 -5.94 39.92
N SER A 271 5.03 -5.60 39.03
CA SER A 271 5.33 -4.20 38.75
C SER A 271 4.89 -3.78 37.36
N TYR A 272 3.97 -4.53 36.74
CA TYR A 272 3.63 -4.31 35.34
C TYR A 272 2.93 -2.98 35.14
N GLY A 273 1.92 -2.71 35.96
CA GLY A 273 1.15 -1.50 35.78
C GLY A 273 1.94 -0.21 35.94
N ALA A 274 3.02 -0.23 36.70
CA ALA A 274 3.79 0.97 36.95
C ALA A 274 4.95 1.14 36.00
N LEU A 275 5.27 0.12 35.18
CA LEU A 275 6.42 0.18 34.29
C LEU A 275 6.10 -0.26 32.86
N ARG A 276 4.85 -0.66 32.58
CA ARG A 276 4.38 -0.89 31.21
C ARG A 276 4.83 0.20 30.26
N ASN A 277 4.95 1.42 30.75
CA ASN A 277 5.22 2.54 29.85
C ASN A 277 6.68 2.96 29.81
N ASP A 278 7.59 2.18 30.34
CA ASP A 278 9.00 2.58 30.37
C ASP A 278 9.78 1.66 29.44
N PRO A 279 10.21 2.13 28.26
CA PRO A 279 10.93 1.27 27.31
C PRO A 279 12.33 0.90 27.75
N THR A 280 12.78 1.34 28.93
CA THR A 280 14.06 0.93 29.49
C THR A 280 13.94 -0.23 30.48
N LYS A 281 12.73 -0.56 30.92
CA LYS A 281 12.52 -1.72 31.80
C LYS A 281 11.92 -2.84 30.96
N ASN A 282 12.61 -3.98 30.92
CA ASN A 282 12.00 -5.18 30.36
C ASN A 282 11.00 -5.73 31.38
N MET A 283 9.83 -5.08 31.42
CA MET A 283 8.76 -5.46 32.31
C MET A 283 7.48 -5.84 31.56
N LEU A 284 7.53 -6.01 30.24
CA LEU A 284 6.32 -6.50 29.58
C LEU A 284 6.21 -8.00 29.82
N SER A 285 5.17 -8.60 29.26
CA SER A 285 5.01 -10.05 29.36
C SER A 285 5.94 -10.76 28.41
N ASN A 286 6.29 -10.09 27.29
CA ASN A 286 7.02 -10.71 26.19
C ASN A 286 6.25 -11.85 25.58
N LEU A 287 4.92 -11.81 25.63
CA LEU A 287 4.16 -12.98 25.22
C LEU A 287 3.74 -12.94 23.77
N SER A 288 3.78 -11.79 23.11
CA SER A 288 3.03 -11.63 21.88
C SER A 288 3.51 -12.47 20.68
N PRO A 289 4.79 -12.76 20.48
CA PRO A 289 5.10 -13.72 19.40
C PRO A 289 4.46 -15.08 19.64
N TYR A 290 4.32 -15.49 20.92
CA TYR A 290 3.74 -16.80 21.20
C TYR A 290 2.25 -16.78 20.94
N LEU A 291 1.54 -15.77 21.48
CA LEU A 291 0.11 -15.67 21.26
C LEU A 291 -0.19 -15.55 19.78
N HIS A 292 0.64 -14.83 19.06
CA HIS A 292 0.32 -14.62 17.65
C HIS A 292 0.26 -15.97 16.91
N PHE A 293 1.29 -16.77 17.07
CA PHE A 293 1.39 -18.01 16.34
C PHE A 293 0.55 -19.11 16.96
N GLY A 294 -0.06 -18.85 18.12
CA GLY A 294 -0.88 -19.83 18.80
C GLY A 294 -0.15 -20.75 19.76
N GLN A 295 1.17 -20.59 19.87
CA GLN A 295 2.06 -21.39 20.71
C GLN A 295 1.65 -21.39 22.19
N ILE A 296 0.88 -20.41 22.66
CA ILE A 296 0.27 -20.46 23.98
C ILE A 296 -1.13 -19.88 23.88
N SER A 297 -2.05 -20.45 24.67
CA SER A 297 -3.40 -19.93 24.83
C SER A 297 -3.44 -18.71 25.75
N SER A 298 -4.09 -17.64 25.33
CA SER A 298 -4.23 -16.56 26.29
C SER A 298 -5.20 -16.93 27.38
N GLN A 299 -6.09 -17.88 27.14
CA GLN A 299 -6.98 -18.33 28.21
C GLN A 299 -6.20 -19.03 29.32
N ARG A 300 -5.07 -19.66 28.99
CA ARG A 300 -4.25 -20.24 30.02
C ARG A 300 -3.59 -19.14 30.82
N VAL A 301 -3.05 -18.12 30.14
CA VAL A 301 -2.46 -16.98 30.83
C VAL A 301 -3.48 -16.40 31.83
N VAL A 302 -4.68 -16.08 31.34
CA VAL A 302 -5.68 -15.42 32.18
C VAL A 302 -5.96 -16.24 33.42
N LEU A 303 -6.13 -17.56 33.24
CA LEU A 303 -6.28 -18.45 34.40
C LEU A 303 -5.13 -18.25 35.35
N GLU A 304 -3.92 -18.27 34.82
CA GLU A 304 -2.73 -18.22 35.64
C GLU A 304 -2.47 -16.85 36.22
N VAL A 305 -2.90 -15.77 35.57
CA VAL A 305 -2.80 -14.47 36.24
C VAL A 305 -3.84 -14.38 37.34
N GLU A 306 -5.07 -14.81 37.03
CA GLU A 306 -6.21 -14.67 37.95
C GLU A 306 -5.94 -15.32 39.29
N LYS A 307 -5.35 -16.50 39.30
CA LYS A 307 -5.03 -17.12 40.57
C LYS A 307 -3.75 -16.58 41.21
N ALA A 308 -2.86 -15.98 40.42
CA ALA A 308 -1.57 -15.55 40.94
C ALA A 308 -1.71 -14.28 41.76
N GLU A 309 -0.90 -14.17 42.79
CA GLU A 309 -1.16 -13.24 43.90
C GLU A 309 -0.18 -12.06 43.89
N SER A 310 -0.58 -10.97 43.23
CA SER A 310 0.29 -9.81 43.08
C SER A 310 -0.53 -8.54 43.21
N ASN A 311 -0.01 -7.46 42.64
CA ASN A 311 -0.60 -6.15 42.78
C ASN A 311 -1.96 -6.11 42.11
N PRO A 312 -3.05 -5.83 42.85
CA PRO A 312 -4.37 -5.77 42.20
C PRO A 312 -4.41 -4.79 41.06
N GLY A 313 -3.77 -3.63 41.22
CA GLY A 313 -3.65 -2.71 40.10
C GLY A 313 -2.92 -3.34 38.93
N SER A 314 -1.88 -4.13 39.21
CA SER A 314 -1.08 -4.73 38.16
C SER A 314 -1.88 -5.76 37.37
N LYS A 315 -2.56 -6.68 38.05
CA LYS A 315 -3.43 -7.63 37.34
C LYS A 315 -4.46 -6.90 36.51
N LYS A 316 -5.09 -5.88 37.06
CA LYS A 316 -6.15 -5.22 36.31
C LYS A 316 -5.63 -4.56 35.03
N ALA A 317 -4.46 -3.95 35.09
CA ALA A 317 -3.91 -3.35 33.88
C ALA A 317 -3.57 -4.42 32.86
N PHE A 318 -3.00 -5.53 33.32
CA PHE A 318 -2.58 -6.55 32.37
C PHE A 318 -3.78 -7.25 31.75
N LEU A 319 -4.81 -7.50 32.56
CA LEU A 319 -5.96 -8.19 32.03
C LEU A 319 -6.68 -7.34 31.01
N ASP A 320 -6.74 -6.03 31.24
CA ASP A 320 -7.31 -5.11 30.24
C ASP A 320 -6.58 -5.15 28.90
N GLU A 321 -5.31 -5.54 28.87
CA GLU A 321 -4.61 -5.63 27.60
C GLU A 321 -4.84 -6.99 26.94
N ILE A 322 -4.62 -8.08 27.67
CA ILE A 322 -4.75 -9.39 27.05
C ILE A 322 -6.22 -9.78 26.86
N LEU A 323 -7.15 -9.15 27.59
CA LEU A 323 -8.58 -9.43 27.42
C LEU A 323 -9.26 -8.37 26.55
N ILE A 324 -9.37 -7.15 27.08
CA ILE A 324 -10.14 -6.11 26.41
C ILE A 324 -9.45 -5.69 25.11
N TRP A 325 -8.18 -5.31 25.18
CA TRP A 325 -7.54 -4.80 23.98
C TRP A 325 -7.27 -5.89 22.95
N LYS A 326 -6.91 -7.09 23.39
CA LYS A 326 -6.64 -8.13 22.40
C LYS A 326 -7.91 -8.55 21.69
N GLU A 327 -8.96 -8.85 22.46
CA GLU A 327 -10.16 -9.41 21.86
C GLU A 327 -11.01 -8.35 21.16
N ILE A 328 -10.78 -7.06 21.42
CA ILE A 328 -11.47 -6.02 20.66
C ILE A 328 -10.82 -5.85 19.32
N SER A 329 -9.54 -6.20 19.22
CA SER A 329 -8.83 -6.08 17.95
C SER A 329 -9.33 -7.12 16.96
N ASP A 330 -9.70 -8.30 17.47
CA ASP A 330 -10.51 -9.26 16.73
C ASP A 330 -11.87 -8.69 16.40
N ASN A 331 -12.57 -8.13 17.39
CA ASN A 331 -13.84 -7.45 17.09
C ASN A 331 -13.66 -6.39 16.00
N PHE A 332 -12.47 -5.81 15.88
CA PHE A 332 -12.29 -4.79 14.85
C PHE A 332 -12.28 -5.41 13.45
N CYS A 333 -11.38 -6.39 13.20
CA CYS A 333 -11.24 -6.98 11.88
C CYS A 333 -12.45 -7.84 11.48
N TYR A 334 -13.13 -8.44 12.45
CA TYR A 334 -14.28 -9.26 12.11
C TYR A 334 -15.42 -8.42 11.56
N TYR A 335 -15.65 -7.22 12.10
CA TYR A 335 -16.79 -6.40 11.71
C TYR A 335 -16.41 -5.23 10.79
N ASN A 336 -15.15 -5.14 10.38
CA ASN A 336 -14.71 -4.09 9.45
C ASN A 336 -13.79 -4.72 8.42
N PRO A 337 -14.35 -5.20 7.30
CA PRO A 337 -13.53 -5.88 6.29
C PRO A 337 -12.32 -5.07 5.84
N GLY A 338 -12.49 -3.77 5.59
CA GLY A 338 -11.32 -2.95 5.34
C GLY A 338 -10.61 -2.49 6.61
N TYR A 339 -10.23 -3.42 7.49
CA TYR A 339 -9.57 -3.07 8.74
C TYR A 339 -8.19 -2.42 8.52
N ASP A 340 -7.62 -2.52 7.32
CA ASP A 340 -6.32 -1.95 7.01
C ASP A 340 -6.42 -0.83 5.99
N GLY A 341 -7.55 -0.10 5.96
CA GLY A 341 -7.69 1.04 5.08
C GLY A 341 -8.22 2.27 5.82
N PHE A 342 -8.18 3.39 5.11
CA PHE A 342 -8.65 4.65 5.67
C PHE A 342 -10.15 4.63 5.97
N GLU A 343 -10.94 3.93 5.15
N GLU A 343 -10.94 3.92 5.16
CA GLU A 343 -12.39 3.91 5.33
CA GLU A 343 -12.40 3.91 5.33
C GLU A 343 -12.82 3.30 6.66
C GLU A 343 -12.82 3.30 6.67
N SER A 344 -11.95 2.52 7.31
CA SER A 344 -12.31 1.92 8.60
C SER A 344 -12.29 2.94 9.75
N PHE A 345 -11.66 4.11 9.58
CA PHE A 345 -11.57 5.07 10.65
C PHE A 345 -12.96 5.59 11.01
N PRO A 346 -13.15 6.07 12.25
CA PRO A 346 -14.46 6.60 12.65
C PRO A 346 -14.77 7.95 11.97
N SER A 347 -16.06 8.26 11.94
CA SER A 347 -16.53 9.35 11.07
C SER A 347 -15.77 10.65 11.30
N TRP A 348 -15.60 11.04 12.57
CA TRP A 348 -14.91 12.29 12.89
C TRP A 348 -13.46 12.26 12.41
N ALA A 349 -12.78 11.13 12.54
CA ALA A 349 -11.34 11.07 12.26
C ALA A 349 -11.05 11.31 10.78
N LYS A 350 -11.79 10.65 9.89
CA LYS A 350 -11.64 10.95 8.45
C LYS A 350 -11.91 12.42 8.18
N GLU A 351 -12.93 12.99 8.82
CA GLU A 351 -13.24 14.40 8.65
C GLU A 351 -12.04 15.29 9.02
N SER A 352 -11.33 14.93 10.11
CA SER A 352 -10.20 15.75 10.56
C SER A 352 -9.00 15.59 9.65
N LEU A 353 -8.63 14.35 9.31
CA LEU A 353 -7.46 14.17 8.44
C LEU A 353 -7.72 14.74 7.05
N ASN A 354 -8.94 14.58 6.56
CA ASN A 354 -9.28 15.18 5.28
C ASN A 354 -9.15 16.70 5.33
N ALA A 355 -9.45 17.32 6.47
CA ALA A 355 -9.33 18.78 6.56
C ALA A 355 -7.87 19.26 6.48
N HIS A 356 -6.93 18.40 6.91
CA HIS A 356 -5.53 18.76 7.03
C HIS A 356 -4.63 18.09 5.99
N ARG A 357 -5.22 17.67 4.86
CA ARG A 357 -4.47 17.01 3.80
C ARG A 357 -3.55 17.94 3.03
N ASN A 358 -3.82 19.25 3.02
CA ASN A 358 -2.94 20.20 2.34
C ASN A 358 -1.90 20.84 3.26
N ASP A 359 -2.02 20.68 4.58
CA ASP A 359 -1.07 21.29 5.50
C ASP A 359 0.36 20.89 5.16
N VAL A 360 1.28 21.85 5.26
CA VAL A 360 2.68 21.57 4.94
C VAL A 360 3.32 20.79 6.08
N ARG A 361 3.81 19.60 5.77
CA ARG A 361 4.50 18.78 6.75
C ARG A 361 5.91 19.33 6.96
N SER A 362 6.30 19.41 8.23
CA SER A 362 7.65 19.81 8.58
C SER A 362 8.69 18.91 7.90
N HIS A 363 8.47 17.60 7.95
CA HIS A 363 9.29 16.63 7.25
C HIS A 363 8.40 15.68 6.46
N ILE A 364 8.97 15.12 5.40
CA ILE A 364 8.42 13.96 4.70
C ILE A 364 9.56 12.97 4.50
N TYR A 365 9.33 11.71 4.85
CA TYR A 365 10.30 10.67 4.57
C TYR A 365 9.64 9.62 3.67
N THR A 366 10.46 8.88 2.92
CA THR A 366 9.98 7.72 2.18
C THR A 366 10.10 6.47 3.02
N LEU A 367 9.35 5.43 2.60
CA LEU A 367 9.36 4.14 3.28
C LEU A 367 10.76 3.75 3.70
N GLU A 368 11.64 3.50 2.73
CA GLU A 368 12.98 2.99 3.04
C GLU A 368 13.82 3.95 3.87
N GLU A 369 13.45 5.25 3.96
CA GLU A 369 14.13 6.12 4.91
C GLU A 369 13.63 5.87 6.32
N PHE A 370 12.32 5.67 6.48
CA PHE A 370 11.79 5.16 7.75
C PHE A 370 12.47 3.84 8.09
N GLU A 371 12.40 2.89 7.14
CA GLU A 371 12.95 1.56 7.34
C GLU A 371 14.36 1.62 7.90
N ALA A 372 15.20 2.49 7.35
CA ALA A 372 16.61 2.54 7.67
C ALA A 372 16.95 3.45 8.86
N GLY A 373 15.95 3.96 9.57
CA GLY A 373 16.17 4.82 10.72
C GLY A 373 16.83 6.14 10.38
N LYS A 374 16.35 6.84 9.35
CA LYS A 374 16.99 8.05 8.87
C LYS A 374 16.12 9.29 9.08
N THR A 375 15.42 9.37 10.21
CA THR A 375 14.70 10.58 10.59
C THR A 375 15.64 11.52 11.30
N HIS A 376 15.13 12.71 11.60
CA HIS A 376 15.82 13.68 12.43
C HIS A 376 15.69 13.34 13.92
N ASP A 377 14.88 12.34 14.23
CA ASP A 377 14.41 12.08 15.58
C ASP A 377 15.13 10.85 16.14
N PRO A 378 16.23 11.02 16.90
CA PRO A 378 16.98 9.85 17.37
C PRO A 378 16.20 8.93 18.28
N LEU A 379 15.15 9.42 18.93
CA LEU A 379 14.25 8.52 19.63
C LEU A 379 13.42 7.70 18.63
N TRP A 380 13.03 8.31 17.50
CA TRP A 380 12.28 7.52 16.54
C TRP A 380 13.17 6.46 15.90
N ASN A 381 14.39 6.83 15.50
CA ASN A 381 15.26 5.81 14.93
C ASN A 381 15.61 4.77 15.99
N ALA A 382 15.72 5.19 17.25
CA ALA A 382 16.04 4.20 18.29
C ALA A 382 15.04 3.05 18.24
N SER A 383 13.74 3.34 18.18
CA SER A 383 12.77 2.25 18.19
C SER A 383 12.73 1.51 16.86
N GLN A 384 12.97 2.20 15.73
CA GLN A 384 13.09 1.48 14.47
C GLN A 384 14.19 0.46 14.55
N MET A 385 15.29 0.85 15.21
CA MET A 385 16.41 -0.05 15.50
C MET A 385 16.00 -1.20 16.42
N GLU A 386 15.10 -0.95 17.38
CA GLU A 386 14.67 -2.06 18.24
C GLU A 386 13.84 -3.04 17.44
N LEU A 387 13.11 -2.53 16.45
CA LEU A 387 12.25 -3.37 15.65
C LEU A 387 13.08 -4.28 14.76
N LEU A 388 14.09 -3.69 14.10
CA LEU A 388 14.95 -4.44 13.21
C LEU A 388 15.75 -5.49 13.96
N SER A 389 16.34 -5.13 15.09
CA SER A 389 17.29 -6.07 15.68
C SER A 389 16.60 -7.13 16.54
N THR A 390 15.49 -6.76 17.23
CA THR A 390 14.84 -7.67 18.16
C THR A 390 13.58 -8.32 17.59
N GLY A 391 12.88 -7.68 16.68
CA GLY A 391 11.65 -8.26 16.22
C GLY A 391 10.47 -7.96 17.10
N LYS A 392 10.65 -7.19 18.16
CA LYS A 392 9.55 -6.79 19.03
C LYS A 392 9.83 -5.36 19.46
N MET A 393 8.97 -4.41 19.09
CA MET A 393 9.11 -3.04 19.57
C MET A 393 8.36 -2.91 20.88
N HIS A 394 8.91 -2.13 21.82
CA HIS A 394 8.23 -1.89 23.09
C HIS A 394 6.87 -1.25 22.83
N GLY A 395 5.88 -1.62 23.65
CA GLY A 395 4.51 -1.28 23.34
C GLY A 395 4.17 0.19 23.46
N TYR A 396 4.83 0.89 24.38
CA TYR A 396 4.70 2.34 24.39
C TYR A 396 5.34 2.95 23.14
N MET A 397 6.54 2.47 22.77
CA MET A 397 7.25 3.01 21.62
C MET A 397 6.55 2.69 20.30
N ARG A 398 5.68 1.66 20.27
CA ARG A 398 4.84 1.44 19.09
C ARG A 398 3.86 2.59 18.86
N MET A 399 3.22 3.10 19.91
CA MET A 399 2.26 4.19 19.73
C MET A 399 2.93 5.45 19.19
N TYR A 400 4.14 5.75 19.69
CA TYR A 400 4.89 6.91 19.24
C TYR A 400 5.38 6.72 17.80
N TRP A 401 5.99 5.55 17.52
CA TRP A 401 6.52 5.25 16.20
C TRP A 401 5.49 5.48 15.10
N ALA A 402 4.29 4.97 15.29
CA ALA A 402 3.28 5.13 14.24
C ALA A 402 2.66 6.52 14.24
N LYS A 403 2.70 7.26 15.35
CA LYS A 403 2.19 8.63 15.26
C LYS A 403 3.16 9.52 14.50
N LYS A 404 4.46 9.33 14.70
CA LYS A 404 5.40 10.14 13.96
C LYS A 404 5.44 9.79 12.48
N ILE A 405 5.02 8.58 12.10
CA ILE A 405 4.90 8.22 10.68
C ILE A 405 3.82 9.06 10.03
N LEU A 406 2.64 9.14 10.66
CA LEU A 406 1.58 9.99 10.16
C LEU A 406 2.03 11.45 10.02
N GLU A 407 2.79 11.95 10.99
CA GLU A 407 3.16 13.36 11.04
C GLU A 407 4.24 13.70 10.02
N TRP A 408 5.07 12.75 9.62
CA TRP A 408 6.14 13.01 8.67
C TRP A 408 5.98 12.18 7.39
N SER A 409 4.75 11.85 7.02
N SER A 409 4.76 11.81 7.06
CA SER A 409 4.46 11.20 5.75
CA SER A 409 4.46 11.22 5.77
C SER A 409 3.55 12.10 4.93
C SER A 409 3.93 12.30 4.84
N GLU A 410 3.60 11.93 3.61
CA GLU A 410 3.00 12.89 2.69
C GLU A 410 1.48 12.85 2.66
N SER A 411 0.82 11.88 3.29
CA SER A 411 -0.63 11.76 3.27
C SER A 411 -1.07 10.72 4.31
N PRO A 412 -2.33 10.78 4.77
CA PRO A 412 -2.87 9.67 5.58
C PRO A 412 -2.66 8.29 4.95
N GLU A 413 -3.07 8.07 3.70
CA GLU A 413 -2.97 6.72 3.14
C GLU A 413 -1.55 6.20 3.20
N LYS A 414 -0.58 7.02 2.77
CA LYS A 414 0.81 6.60 2.72
C LYS A 414 1.38 6.25 4.11
N ALA A 415 0.94 6.99 5.15
CA ALA A 415 1.37 6.64 6.51
C ALA A 415 0.92 5.22 6.88
N LEU A 416 -0.39 5.00 6.84
CA LEU A 416 -0.95 3.67 6.96
C LEU A 416 -0.09 2.63 6.23
N GLU A 417 0.05 2.81 4.92
CA GLU A 417 0.78 1.88 4.06
C GLU A 417 2.18 1.62 4.60
N ILE A 418 2.95 2.69 4.81
CA ILE A 418 4.29 2.60 5.38
C ILE A 418 4.28 1.91 6.75
N ALA A 419 3.28 2.19 7.60
CA ALA A 419 3.34 1.59 8.94
C ALA A 419 2.99 0.12 8.93
N ILE A 420 1.98 -0.28 8.15
CA ILE A 420 1.66 -1.70 8.05
C ILE A 420 2.85 -2.47 7.49
N CYS A 421 3.44 -1.92 6.44
CA CYS A 421 4.53 -2.64 5.78
C CYS A 421 5.72 -2.84 6.73
N LEU A 422 5.99 -1.87 7.60
CA LEU A 422 7.13 -2.03 8.48
C LEU A 422 6.77 -2.91 9.65
N ASN A 423 5.54 -2.79 10.14
CA ASN A 423 5.06 -3.65 11.23
C ASN A 423 5.07 -5.13 10.79
N ASP A 424 4.37 -5.45 9.70
CA ASP A 424 4.23 -6.85 9.29
C ASP A 424 5.55 -7.38 8.72
N ARG A 425 6.40 -6.51 8.18
CA ARG A 425 7.66 -7.08 7.72
C ARG A 425 8.60 -7.39 8.88
N TYR A 426 8.49 -6.66 10.00
CA TYR A 426 9.53 -6.77 11.02
C TYR A 426 9.07 -7.18 12.42
N GLU A 427 7.79 -7.05 12.75
CA GLU A 427 7.36 -7.58 14.03
C GLU A 427 7.24 -9.10 13.95
N LEU A 428 7.85 -9.80 14.92
CA LEU A 428 7.48 -11.19 15.20
C LEU A 428 5.97 -11.40 15.35
N ASP A 429 5.26 -10.47 16.01
CA ASP A 429 3.79 -10.58 16.14
C ASP A 429 3.03 -9.94 14.97
N GLY A 430 3.71 -9.65 13.86
CA GLY A 430 3.07 -8.99 12.75
C GLY A 430 2.15 -9.90 11.97
N ARG A 431 1.33 -9.25 11.13
CA ARG A 431 0.24 -9.88 10.38
C ARG A 431 -0.81 -10.44 11.35
N ASP A 432 -1.33 -9.57 12.19
CA ASP A 432 -2.19 -9.96 13.29
C ASP A 432 -3.26 -8.88 13.44
N PRO A 433 -4.49 -9.25 13.76
CA PRO A 433 -5.49 -8.22 14.08
C PRO A 433 -5.01 -7.17 15.12
N ASN A 434 -4.19 -7.55 16.12
CA ASN A 434 -3.64 -6.55 17.06
C ASN A 434 -2.84 -5.48 16.32
N GLY A 435 -2.00 -5.88 15.38
CA GLY A 435 -1.30 -4.91 14.53
C GLY A 435 -2.20 -3.86 13.91
N TYR A 436 -3.24 -4.31 13.18
CA TYR A 436 -4.10 -3.39 12.45
C TYR A 436 -4.89 -2.49 13.38
N ALA A 437 -5.58 -3.10 14.36
CA ALA A 437 -6.37 -2.32 15.31
C ALA A 437 -5.49 -1.35 16.11
N GLY A 438 -4.22 -1.71 16.30
CA GLY A 438 -3.28 -0.80 16.93
C GLY A 438 -2.77 0.30 16.01
N ILE A 439 -2.55 -0.03 14.73
CA ILE A 439 -2.20 1.00 13.74
C ILE A 439 -3.39 1.92 13.50
N ALA A 440 -4.60 1.35 13.45
CA ALA A 440 -5.80 2.14 13.28
C ALA A 440 -6.00 3.06 14.47
N TRP A 441 -5.73 2.55 15.67
CA TRP A 441 -5.82 3.37 16.88
C TRP A 441 -4.85 4.52 16.81
N SER A 442 -3.63 4.28 16.30
CA SER A 442 -2.56 5.27 16.36
C SER A 442 -2.77 6.38 15.35
N ILE A 443 -3.19 6.00 14.15
CA ILE A 443 -3.19 6.88 12.98
C ILE A 443 -4.58 7.45 12.73
N GLY A 444 -5.59 6.59 12.75
CA GLY A 444 -6.95 6.99 12.53
C GLY A 444 -7.78 7.11 13.79
N GLY A 445 -7.24 6.80 14.95
CA GLY A 445 -8.05 6.92 16.15
C GLY A 445 -9.18 5.93 16.30
N VAL A 446 -9.07 4.74 15.70
CA VAL A 446 -10.13 3.75 15.86
C VAL A 446 -10.03 3.17 17.26
N HIS A 447 -11.09 3.34 18.04
CA HIS A 447 -11.20 2.94 19.44
C HIS A 447 -10.63 4.00 20.39
N ASP A 448 -10.64 5.27 19.98
CA ASP A 448 -10.03 6.34 20.73
C ASP A 448 -10.97 7.55 20.68
N ARG A 449 -10.55 8.66 21.26
CA ARG A 449 -11.35 9.86 21.25
C ARG A 449 -10.66 10.93 20.42
N ALA A 450 -11.35 12.04 20.21
CA ALA A 450 -10.70 13.15 19.52
C ALA A 450 -10.03 14.05 20.55
N TRP A 451 -8.91 14.62 20.14
CA TRP A 451 -8.15 15.54 20.99
C TRP A 451 -7.96 16.89 20.30
N GLY A 452 -7.34 17.82 21.04
CA GLY A 452 -7.12 19.19 20.60
C GLY A 452 -6.48 19.23 19.24
N GLU A 453 -6.94 20.15 18.39
CA GLU A 453 -6.72 20.05 16.95
C GLU A 453 -5.36 20.60 16.55
N ARG A 454 -4.51 19.72 16.00
CA ARG A 454 -3.18 20.09 15.54
C ARG A 454 -3.19 20.24 14.03
N GLU A 455 -2.13 20.86 13.52
CA GLU A 455 -1.86 20.86 12.10
C GLU A 455 -1.32 19.50 11.68
N VAL A 456 -1.56 19.16 10.41
CA VAL A 456 -1.23 17.86 9.82
C VAL A 456 -2.08 16.74 10.42
N THR A 457 -1.89 16.45 11.70
CA THR A 457 -2.55 15.30 12.32
C THR A 457 -3.95 15.63 12.86
N GLY A 458 -4.53 16.79 12.53
CA GLY A 458 -5.88 17.08 12.98
C GLY A 458 -6.10 16.81 14.48
N LYS A 459 -7.19 16.10 14.77
CA LYS A 459 -7.65 15.82 16.12
C LYS A 459 -7.17 14.47 16.63
N ILE A 460 -6.16 13.88 15.99
CA ILE A 460 -5.61 12.58 16.35
C ILE A 460 -4.71 12.71 17.57
N ARG A 461 -4.83 11.78 18.51
CA ARG A 461 -4.11 11.90 19.78
C ARG A 461 -2.62 12.08 19.53
N TYR A 462 -2.08 13.20 20.04
CA TYR A 462 -0.70 13.57 19.79
C TYR A 462 0.19 13.06 20.90
N MET A 463 1.37 12.61 20.53
CA MET A 463 2.42 12.30 21.48
C MET A 463 3.67 13.04 21.04
N SER A 464 4.43 13.54 22.02
CA SER A 464 5.61 14.34 21.75
C SER A 464 6.84 13.66 22.35
N TYR A 465 7.98 13.84 21.68
CA TYR A 465 9.27 13.56 22.27
C TYR A 465 9.29 13.99 23.73
N GLU A 466 8.85 15.23 24.00
CA GLU A 466 8.90 15.73 25.36
C GLU A 466 7.99 14.93 26.29
N GLY A 467 6.89 14.40 25.78
CA GLY A 467 6.05 13.55 26.60
C GLY A 467 6.78 12.33 27.12
N CYS A 468 7.59 11.68 26.26
CA CYS A 468 8.46 10.56 26.58
C CYS A 468 9.59 10.89 27.56
N LYS A 469 9.94 12.18 27.76
CA LYS A 469 10.99 12.53 28.70
C LYS A 469 10.48 12.64 30.14
N ARG A 470 9.24 13.09 30.33
CA ARG A 470 8.58 12.99 31.62
C ARG A 470 8.33 11.56 32.06
N LYS A 471 8.30 10.60 31.12
CA LYS A 471 7.93 9.24 31.44
C LYS A 471 9.12 8.30 31.59
N PHE A 472 10.23 8.55 30.90
CA PHE A 472 11.35 7.61 31.02
C PHE A 472 12.61 8.25 30.46
N ASP A 473 13.75 7.78 30.96
CA ASP A 473 15.03 8.25 30.46
C ASP A 473 15.20 7.90 28.99
N VAL A 474 14.80 8.83 28.11
CA VAL A 474 14.89 8.58 26.66
C VAL A 474 16.34 8.39 26.23
N LYS A 475 17.29 9.06 26.89
CA LYS A 475 18.70 8.94 26.50
C LYS A 475 19.22 7.53 26.68
N LEU A 476 18.59 6.74 27.54
CA LEU A 476 19.03 5.37 27.72
C LEU A 476 18.49 4.50 26.60
N TYR A 477 17.25 4.75 26.21
CA TYR A 477 16.67 3.99 25.10
C TYR A 477 17.48 4.17 23.84
N ILE A 478 17.65 5.44 23.43
CA ILE A 478 18.51 5.80 22.32
C ILE A 478 19.88 5.18 22.49
N GLU A 479 20.41 5.22 23.71
CA GLU A 479 21.76 4.71 23.97
C GLU A 479 21.87 3.22 23.66
N LYS A 480 20.86 2.44 24.07
CA LYS A 480 20.90 0.99 23.87
C LYS A 480 21.12 0.67 22.40
N TYR A 481 20.18 1.10 21.53
CA TYR A 481 20.26 0.94 20.09
C TYR A 481 21.10 2.01 19.42
N SER A 482 21.68 2.94 20.18
CA SER A 482 22.78 3.74 19.66
C SER A 482 23.82 2.81 19.04
N ALA A 483 24.40 3.25 17.92
CA ALA A 483 25.47 2.54 17.26
C ALA A 483 24.95 1.31 16.53
N LEU A 484 23.70 1.39 16.04
CA LEU A 484 23.25 0.47 15.01
C LEU A 484 22.97 1.18 13.71
N ASP A 485 22.68 2.49 13.76
CA ASP A 485 22.37 3.22 12.54
C ASP A 485 23.59 3.30 11.64
N LYS A 486 24.72 3.79 12.17
CA LYS A 486 25.95 3.79 11.39
C LYS A 486 26.40 2.36 11.05
N LEU A 487 26.28 1.44 12.02
CA LEU A 487 26.72 0.06 11.79
C LEU A 487 25.85 -0.68 10.76
N ALA A 488 24.65 -0.15 10.41
CA ALA A 488 23.77 -0.75 9.40
C ALA A 488 23.22 0.35 8.49
N ALA A 489 24.12 1.01 7.73
CA ALA A 489 23.74 2.03 6.78
C ALA A 489 24.07 1.56 5.37
N MET B 23 2.14 37.26 -24.38
CA MET B 23 1.64 36.11 -23.61
C MET B 23 0.44 36.48 -22.74
N ASN B 24 -0.50 35.51 -22.53
CA ASN B 24 -1.69 35.78 -21.74
C ASN B 24 -1.34 35.67 -20.26
N PRO B 25 -1.78 36.64 -19.44
CA PRO B 25 -1.35 36.67 -18.04
C PRO B 25 -2.03 35.65 -17.14
N LYS B 26 -3.10 35.00 -17.59
CA LYS B 26 -3.76 34.02 -16.72
C LYS B 26 -2.94 32.74 -16.57
N ARG B 27 -1.99 32.48 -17.48
CA ARG B 27 -1.09 31.34 -17.33
C ARG B 27 -0.08 31.55 -16.19
N ILE B 28 -0.02 32.75 -15.62
CA ILE B 28 0.94 33.13 -14.58
C ILE B 28 0.19 33.27 -13.26
N ARG B 29 0.70 32.59 -12.22
CA ARG B 29 0.18 32.70 -10.87
C ARG B 29 1.36 32.92 -9.94
N ALA B 30 1.47 34.11 -9.35
CA ALA B 30 2.59 34.41 -8.47
C ALA B 30 2.54 33.56 -7.21
N LEU B 31 3.70 33.29 -6.63
CA LEU B 31 3.76 32.53 -5.40
C LEU B 31 4.30 33.35 -4.24
N LYS B 32 5.50 33.90 -4.36
CA LYS B 32 6.10 34.80 -3.37
C LYS B 32 6.15 36.21 -3.95
N SER B 33 5.66 37.18 -3.19
CA SER B 33 5.54 38.55 -3.68
C SER B 33 6.80 39.35 -3.43
N PRO B 40 19.58 38.22 -12.55
CA PRO B 40 19.46 37.04 -13.42
C PRO B 40 18.17 36.29 -13.13
N VAL B 41 17.34 36.11 -14.15
CA VAL B 41 16.06 35.45 -13.96
C VAL B 41 16.25 33.94 -14.11
N VAL B 42 15.75 33.19 -13.14
CA VAL B 42 16.09 31.78 -12.99
C VAL B 42 14.88 30.93 -13.30
N TYR B 43 15.03 30.00 -14.25
CA TYR B 43 13.96 29.07 -14.61
C TYR B 43 14.17 27.75 -13.87
N TRP B 44 13.36 27.52 -12.84
CA TRP B 44 13.29 26.24 -12.14
C TRP B 44 12.45 25.26 -12.97
N MET B 45 13.10 24.59 -13.91
CA MET B 45 12.39 23.67 -14.77
C MET B 45 12.05 22.40 -13.99
N SER B 46 10.87 21.85 -14.26
CA SER B 46 10.41 20.64 -13.60
C SER B 46 9.58 19.81 -14.57
N ARG B 47 8.30 20.15 -14.70
CA ARG B 47 7.36 19.34 -15.47
C ARG B 47 7.60 19.45 -16.98
N ASP B 48 8.13 20.59 -17.46
CA ASP B 48 8.08 20.92 -18.88
C ASP B 48 9.49 21.04 -19.50
N GLN B 49 10.07 19.88 -19.88
CA GLN B 49 11.45 19.78 -20.37
C GLN B 49 11.52 19.92 -21.90
N ARG B 50 11.39 21.16 -22.39
CA ARG B 50 11.57 21.41 -23.82
C ARG B 50 11.91 22.88 -24.03
N ALA B 51 12.70 23.15 -25.06
CA ALA B 51 13.19 24.48 -25.35
C ALA B 51 12.20 25.29 -26.18
N GLU B 52 11.38 24.61 -26.97
CA GLU B 52 10.43 25.25 -27.87
C GLU B 52 9.02 25.00 -27.39
N ASP B 53 8.16 26.01 -27.56
CA ASP B 53 6.75 25.92 -27.20
C ASP B 53 6.56 25.73 -25.69
N ASN B 54 7.13 26.65 -24.90
CA ASN B 54 7.10 26.56 -23.43
C ASN B 54 6.71 27.92 -22.86
N TRP B 55 5.52 28.02 -22.25
CA TRP B 55 5.13 29.31 -21.68
C TRP B 55 6.02 29.71 -20.51
N ALA B 56 6.45 28.75 -19.69
CA ALA B 56 7.33 29.08 -18.59
C ALA B 56 8.66 29.64 -19.09
N LEU B 57 9.21 29.07 -20.15
CA LEU B 57 10.50 29.56 -20.65
C LEU B 57 10.39 30.92 -21.31
N LEU B 58 9.20 31.27 -21.83
CA LEU B 58 9.03 32.56 -22.49
C LEU B 58 8.94 33.70 -21.50
N PHE B 59 8.17 33.50 -20.43
CA PHE B 59 8.09 34.48 -19.34
C PHE B 59 9.40 34.58 -18.56
N SER B 60 10.33 33.65 -18.76
CA SER B 60 11.66 33.76 -18.16
C SER B 60 12.55 34.74 -18.94
N ARG B 61 12.61 34.58 -20.27
CA ARG B 61 13.35 35.48 -21.14
C ARG B 61 12.76 36.89 -21.16
N ALA B 62 11.47 37.02 -20.81
CA ALA B 62 10.82 38.32 -20.83
C ALA B 62 11.22 39.16 -19.62
N ILE B 63 11.13 38.57 -18.42
CA ILE B 63 11.56 39.26 -17.22
C ILE B 63 13.05 39.62 -17.33
N ALA B 64 13.83 38.75 -17.97
CA ALA B 64 15.26 39.00 -18.13
C ALA B 64 15.54 40.14 -19.10
N LYS B 65 14.80 40.21 -20.21
CA LYS B 65 15.04 41.29 -21.16
C LYS B 65 14.56 42.63 -20.62
N GLU B 66 13.49 42.62 -19.83
CA GLU B 66 13.02 43.87 -19.24
C GLU B 66 13.94 44.32 -18.10
N ALA B 67 14.41 43.39 -17.26
CA ALA B 67 15.32 43.73 -16.17
C ALA B 67 16.77 43.82 -16.62
N ASN B 68 17.04 43.73 -17.92
CA ASN B 68 18.39 43.85 -18.50
C ASN B 68 19.39 42.91 -17.81
N VAL B 69 19.12 41.62 -17.92
CA VAL B 69 19.89 40.57 -17.25
C VAL B 69 19.69 39.28 -18.06
N PRO B 70 20.59 38.30 -18.00
CA PRO B 70 20.37 37.07 -18.75
C PRO B 70 19.34 36.19 -18.08
N VAL B 71 18.86 35.20 -18.83
CA VAL B 71 17.98 34.18 -18.28
C VAL B 71 18.72 32.85 -18.29
N VAL B 72 18.55 32.09 -17.21
CA VAL B 72 19.29 30.86 -17.00
C VAL B 72 18.33 29.77 -16.54
N VAL B 73 18.69 28.52 -16.79
CA VAL B 73 17.84 27.37 -16.49
C VAL B 73 18.55 26.45 -15.51
N VAL B 74 17.87 26.12 -14.42
CA VAL B 74 18.34 25.15 -13.44
C VAL B 74 17.40 23.94 -13.47
N PHE B 75 17.96 22.74 -13.36
CA PHE B 75 17.11 21.57 -13.22
C PHE B 75 17.65 20.71 -12.09
N CYS B 76 16.75 20.17 -11.27
CA CYS B 76 17.15 19.43 -10.06
C CYS B 76 16.71 17.98 -10.14
N LEU B 77 17.66 17.09 -9.87
CA LEU B 77 17.45 15.65 -9.91
C LEU B 77 17.27 15.14 -8.49
N THR B 78 16.09 14.63 -8.20
CA THR B 78 15.76 14.09 -6.89
C THR B 78 15.80 12.57 -7.00
N ASP B 79 16.86 11.97 -6.44
CA ASP B 79 17.02 10.52 -6.55
C ASP B 79 15.89 9.77 -5.83
N GLU B 80 15.30 10.38 -4.79
CA GLU B 80 14.18 9.75 -4.12
C GLU B 80 13.05 9.47 -5.10
N PHE B 81 12.79 10.43 -5.99
CA PHE B 81 11.87 10.22 -7.10
C PHE B 81 12.47 9.31 -8.18
N LEU B 82 13.79 9.08 -8.16
CA LEU B 82 14.45 8.34 -9.23
C LEU B 82 14.93 6.95 -8.81
N GLU B 83 14.91 6.62 -7.52
CA GLU B 83 15.20 5.25 -7.09
C GLU B 83 14.14 4.25 -7.53
N ALA B 84 13.08 4.71 -8.21
CA ALA B 84 12.22 3.84 -9.00
C ALA B 84 12.44 4.13 -10.48
N GLY B 85 12.29 3.08 -11.30
CA GLY B 85 12.26 3.20 -12.74
C GLY B 85 13.57 3.45 -13.48
N ILE B 86 14.25 2.37 -13.88
CA ILE B 86 15.48 2.53 -14.67
C ILE B 86 15.16 3.06 -16.07
N ARG B 87 14.01 2.67 -16.63
CA ARG B 87 13.66 3.05 -17.99
C ARG B 87 13.44 4.55 -18.10
N GLN B 88 12.57 5.10 -17.26
CA GLN B 88 12.24 6.53 -17.33
C GLN B 88 13.50 7.38 -17.14
N TYR B 89 14.42 6.93 -16.28
CA TYR B 89 15.64 7.69 -16.00
C TYR B 89 16.49 7.87 -17.26
N GLU B 90 16.61 6.82 -18.08
CA GLU B 90 17.37 6.94 -19.32
C GLU B 90 16.65 7.86 -20.29
N PHE B 91 15.32 7.71 -20.40
CA PHE B 91 14.56 8.52 -21.35
C PHE B 91 14.67 10.00 -21.01
N MET B 92 14.40 10.36 -19.74
CA MET B 92 14.43 11.76 -19.33
C MET B 92 15.81 12.38 -19.48
N LEU B 93 16.88 11.61 -19.23
CA LEU B 93 18.22 12.18 -19.29
C LEU B 93 18.72 12.31 -20.72
N LYS B 94 18.28 11.44 -21.64
CA LYS B 94 18.65 11.63 -23.04
C LYS B 94 17.99 12.87 -23.62
N GLY B 95 16.84 13.27 -23.09
CA GLY B 95 16.23 14.52 -23.53
C GLY B 95 16.95 15.75 -23.00
N LEU B 96 17.41 15.70 -21.73
CA LEU B 96 18.05 16.87 -21.13
C LEU B 96 19.39 17.20 -21.77
N GLN B 97 20.08 16.21 -22.36
CA GLN B 97 21.31 16.53 -23.09
C GLN B 97 21.00 17.32 -24.36
N GLU B 98 19.99 16.90 -25.13
CA GLU B 98 19.55 17.70 -26.27
C GLU B 98 19.02 19.04 -25.80
N LEU B 99 18.37 19.05 -24.63
CA LEU B 99 17.84 20.30 -24.09
C LEU B 99 18.97 21.30 -23.85
N GLU B 100 20.01 20.88 -23.14
CA GLU B 100 21.05 21.83 -22.77
C GLU B 100 21.88 22.25 -23.98
N VAL B 101 21.95 21.40 -25.01
CA VAL B 101 22.57 21.83 -26.26
C VAL B 101 21.66 22.80 -27.00
N SER B 102 20.36 22.49 -27.04
CA SER B 102 19.40 23.39 -27.66
C SER B 102 19.30 24.72 -26.92
N LEU B 103 19.53 24.72 -25.61
CA LEU B 103 19.45 25.93 -24.80
C LEU B 103 20.73 26.75 -24.90
N SER B 104 21.90 26.09 -24.86
CA SER B 104 23.15 26.83 -25.01
C SER B 104 23.19 27.52 -26.36
N ARG B 105 22.61 26.88 -27.39
CA ARG B 105 22.54 27.48 -28.72
C ARG B 105 21.80 28.81 -28.69
N LYS B 106 20.69 28.88 -27.94
CA LYS B 106 20.00 30.14 -27.69
C LYS B 106 20.66 30.96 -26.55
N LYS B 107 21.93 30.67 -26.22
CA LYS B 107 22.73 31.42 -25.25
C LYS B 107 22.22 31.26 -23.82
N ILE B 108 21.65 30.11 -23.47
CA ILE B 108 21.10 29.87 -22.14
C ILE B 108 21.96 28.81 -21.46
N PRO B 109 22.64 29.12 -20.36
CA PRO B 109 23.31 28.08 -19.59
C PRO B 109 22.34 27.31 -18.72
N SER B 110 22.71 26.05 -18.44
CA SER B 110 21.90 25.11 -17.67
C SER B 110 22.72 24.55 -16.53
N PHE B 111 22.16 24.59 -15.34
CA PHE B 111 22.80 24.03 -14.15
C PHE B 111 21.96 22.87 -13.66
N PHE B 112 22.51 21.66 -13.73
CA PHE B 112 21.81 20.48 -13.24
C PHE B 112 22.26 20.22 -11.82
N LEU B 113 21.34 20.35 -10.88
CA LEU B 113 21.61 20.15 -9.47
C LEU B 113 21.22 18.74 -9.04
N ARG B 114 21.42 18.46 -7.76
CA ARG B 114 21.11 17.14 -7.23
C ARG B 114 20.84 17.27 -5.74
N GLY B 115 19.71 16.73 -5.29
CA GLY B 115 19.32 16.72 -3.89
C GLY B 115 17.83 16.98 -3.77
N ASP B 116 17.42 17.34 -2.56
CA ASP B 116 16.02 17.72 -2.33
C ASP B 116 15.77 19.13 -2.83
N PRO B 117 14.85 19.33 -3.78
CA PRO B 117 14.66 20.66 -4.38
C PRO B 117 14.25 21.73 -3.38
N GLY B 118 13.52 21.36 -2.33
CA GLY B 118 13.05 22.35 -1.37
C GLY B 118 14.15 23.26 -0.86
N GLU B 119 15.38 22.78 -0.86
CA GLU B 119 16.51 23.56 -0.38
C GLU B 119 17.53 23.87 -1.45
N LYS B 120 17.81 22.92 -2.35
CA LYS B 120 18.82 23.14 -3.38
C LYS B 120 18.45 24.27 -4.34
N ILE B 121 17.16 24.59 -4.47
CA ILE B 121 16.81 25.74 -5.31
C ILE B 121 17.06 27.03 -4.55
N SER B 122 16.57 27.11 -3.31
CA SER B 122 16.84 28.32 -2.53
C SER B 122 18.33 28.50 -2.31
N ARG B 123 19.06 27.40 -2.09
CA ARG B 123 20.51 27.50 -1.91
C ARG B 123 21.20 27.99 -3.18
N PHE B 124 20.74 27.51 -4.35
CA PHE B 124 21.32 27.97 -5.62
C PHE B 124 20.86 29.39 -5.94
N VAL B 125 19.58 29.70 -5.67
CA VAL B 125 19.02 30.98 -6.06
C VAL B 125 19.79 32.16 -5.44
N LYS B 126 20.46 31.96 -4.31
CA LYS B 126 21.26 33.02 -3.71
C LYS B 126 22.75 32.81 -3.87
N ASP B 127 23.23 31.56 -3.91
CA ASP B 127 24.62 31.33 -4.28
C ASP B 127 24.91 31.89 -5.67
N TYR B 128 23.89 31.97 -6.53
CA TYR B 128 24.02 32.53 -7.87
C TYR B 128 23.52 33.97 -7.94
N ASN B 129 22.94 34.48 -6.86
CA ASN B 129 22.36 35.82 -6.80
C ASN B 129 21.28 35.97 -7.87
N ALA B 130 20.07 35.49 -7.59
CA ALA B 130 18.98 35.59 -8.55
C ALA B 130 18.00 36.67 -8.14
N GLY B 131 17.39 37.31 -9.13
CA GLY B 131 16.47 38.40 -8.90
C GLY B 131 15.01 37.98 -8.97
N THR B 132 14.71 37.00 -9.82
CA THR B 132 13.35 36.50 -10.02
C THR B 132 13.42 34.99 -10.28
N LEU B 133 12.44 34.26 -9.78
CA LEU B 133 12.43 32.82 -9.92
C LEU B 133 11.11 32.36 -10.51
N VAL B 134 11.18 31.43 -11.47
CA VAL B 134 9.99 30.95 -12.16
C VAL B 134 9.98 29.43 -12.20
N THR B 135 8.77 28.87 -12.23
CA THR B 135 8.62 27.42 -12.26
C THR B 135 7.36 27.06 -13.06
N ASP B 136 7.35 25.82 -13.58
CA ASP B 136 6.20 25.19 -14.25
C ASP B 136 4.99 25.03 -13.35
N PHE B 137 4.22 23.98 -13.57
CA PHE B 137 3.04 23.77 -12.73
C PHE B 137 2.70 22.28 -12.68
N SER B 138 2.81 21.68 -11.50
CA SER B 138 2.40 20.29 -11.33
C SER B 138 1.33 20.22 -10.25
N PRO B 139 0.21 19.55 -10.50
CA PRO B 139 -0.74 19.28 -9.41
C PRO B 139 -0.31 18.17 -8.47
N LEU B 140 0.81 17.47 -8.73
CA LEU B 140 1.20 16.39 -7.84
C LEU B 140 1.66 16.95 -6.49
N ARG B 141 1.33 16.22 -5.43
CA ARG B 141 1.62 16.62 -4.05
C ARG B 141 3.05 17.11 -3.86
N ILE B 142 4.02 16.38 -4.40
CA ILE B 142 5.42 16.59 -4.04
C ILE B 142 5.90 17.98 -4.49
N LYS B 143 5.46 18.44 -5.67
CA LYS B 143 5.79 19.77 -6.13
C LYS B 143 5.23 20.83 -5.20
N ASN B 144 4.03 20.59 -4.67
CA ASN B 144 3.36 21.58 -3.84
C ASN B 144 4.07 21.75 -2.51
N GLN B 145 4.48 20.63 -1.92
CA GLN B 145 5.31 20.68 -0.71
C GLN B 145 6.62 21.41 -0.99
N TRP B 146 7.32 20.98 -2.05
CA TRP B 146 8.58 21.60 -2.46
C TRP B 146 8.44 23.11 -2.58
N ILE B 147 7.36 23.55 -3.25
CA ILE B 147 7.19 24.97 -3.54
C ILE B 147 7.09 25.77 -2.25
N GLU B 148 6.35 25.27 -1.27
CA GLU B 148 6.27 25.97 0.00
C GLU B 148 7.48 25.79 0.89
N LYS B 149 8.35 24.82 0.59
CA LYS B 149 9.65 24.82 1.24
C LYS B 149 10.49 26.00 0.77
N VAL B 150 10.74 26.08 -0.55
CA VAL B 150 11.69 27.06 -1.09
C VAL B 150 11.28 28.46 -0.69
N ILE B 151 9.97 28.74 -0.70
CA ILE B 151 9.44 30.02 -0.24
C ILE B 151 10.02 30.40 1.12
N SER B 152 10.12 29.44 2.02
CA SER B 152 10.44 29.79 3.38
C SER B 152 11.94 29.68 3.68
N ILE B 154 13.79 32.21 0.64
CA ILE B 154 13.89 33.14 -0.47
C ILE B 154 13.07 34.41 -0.21
N SER B 155 13.53 35.52 -0.79
CA SER B 155 12.88 36.82 -0.67
C SER B 155 12.59 37.50 -2.01
N ILE B 156 13.07 36.97 -3.12
CA ILE B 156 12.82 37.50 -4.46
C ILE B 156 11.42 37.12 -4.90
N PRO B 157 10.91 37.64 -6.03
CA PRO B 157 9.62 37.17 -6.54
C PRO B 157 9.68 35.75 -7.10
N PHE B 158 8.51 35.14 -7.22
CA PHE B 158 8.39 33.71 -7.45
C PHE B 158 7.10 33.43 -8.22
N PHE B 159 7.21 32.85 -9.41
CA PHE B 159 6.07 32.65 -10.28
C PHE B 159 5.98 31.20 -10.75
N GLU B 160 4.74 30.71 -10.86
CA GLU B 160 4.43 29.47 -11.57
C GLU B 160 3.69 29.82 -12.85
N VAL B 161 4.05 29.13 -13.93
CA VAL B 161 3.41 29.29 -15.23
C VAL B 161 2.93 27.92 -15.70
N ASP B 162 1.67 27.83 -16.09
CA ASP B 162 1.12 26.55 -16.54
C ASP B 162 1.50 26.36 -18.01
N ALA B 163 2.63 25.66 -18.22
CA ALA B 163 3.13 25.32 -19.55
C ALA B 163 2.68 23.95 -20.04
N HIS B 164 1.88 23.23 -19.25
CA HIS B 164 1.46 21.90 -19.62
C HIS B 164 0.04 21.83 -20.16
N ASN B 165 -0.81 22.83 -19.87
CA ASN B 165 -2.21 22.82 -20.25
C ASN B 165 -2.51 24.07 -21.06
N VAL B 166 -3.26 23.92 -22.16
CA VAL B 166 -3.52 25.09 -23.00
C VAL B 166 -4.45 26.08 -22.29
N VAL B 167 -5.44 25.58 -21.56
CA VAL B 167 -6.22 26.41 -20.64
C VAL B 167 -5.64 26.16 -19.25
N PRO B 168 -5.27 27.21 -18.51
CA PRO B 168 -4.65 27.00 -17.20
C PRO B 168 -5.59 26.27 -16.25
N CYS B 169 -5.06 25.26 -15.57
CA CYS B 169 -5.76 24.52 -14.53
C CYS B 169 -6.67 25.43 -13.69
N TRP B 170 -6.09 26.27 -12.84
CA TRP B 170 -6.85 27.05 -11.87
C TRP B 170 -7.91 27.91 -12.53
N GLU B 171 -7.86 28.02 -13.85
CA GLU B 171 -8.75 28.83 -14.66
C GLU B 171 -9.82 28.04 -15.39
N ALA B 172 -9.52 26.79 -15.80
CA ALA B 172 -10.49 25.98 -16.55
C ALA B 172 -11.68 25.62 -15.69
N SER B 173 -11.45 25.46 -14.39
CA SER B 173 -12.54 25.35 -13.43
C SER B 173 -11.99 25.67 -12.05
N GLN B 174 -12.91 25.99 -11.15
CA GLN B 174 -12.60 26.17 -9.75
C GLN B 174 -13.22 25.05 -8.90
N LYS B 175 -13.47 23.91 -9.52
CA LYS B 175 -14.28 22.87 -8.93
C LYS B 175 -13.76 21.52 -9.43
N HIS B 176 -13.80 20.52 -8.56
CA HIS B 176 -13.63 19.16 -9.04
C HIS B 176 -14.76 18.88 -10.02
N GLU B 177 -14.45 18.79 -11.29
CA GLU B 177 -15.49 18.42 -12.22
C GLU B 177 -15.82 16.93 -12.07
N TYR B 178 -17.12 16.64 -12.06
CA TYR B 178 -17.58 15.31 -11.71
C TYR B 178 -17.48 14.33 -12.87
N ALA B 179 -17.72 14.80 -14.09
CA ALA B 179 -17.61 13.95 -15.26
C ALA B 179 -17.18 14.81 -16.45
N ALA B 180 -16.66 14.15 -17.49
CA ALA B 180 -16.21 14.90 -18.66
C ALA B 180 -17.32 15.71 -19.29
N HIS B 181 -18.55 15.19 -19.27
CA HIS B 181 -19.65 15.92 -19.88
C HIS B 181 -19.98 17.22 -19.15
N THR B 182 -19.29 17.51 -18.04
CA THR B 182 -19.41 18.81 -17.36
C THR B 182 -18.19 19.69 -17.54
N PHE B 183 -17.05 19.11 -17.86
CA PHE B 183 -15.85 19.87 -18.14
C PHE B 183 -15.85 20.42 -19.56
N ARG B 184 -16.33 19.62 -20.51
CA ARG B 184 -16.24 19.96 -21.92
C ARG B 184 -16.93 21.27 -22.28
N PRO B 185 -18.08 21.64 -21.70
CA PRO B 185 -18.60 23.00 -21.93
C PRO B 185 -17.78 24.09 -21.26
N LYS B 186 -17.11 23.77 -20.15
CA LYS B 186 -16.35 24.79 -19.45
C LYS B 186 -15.03 25.08 -20.16
N LEU B 187 -14.30 24.02 -20.54
CA LEU B 187 -13.01 24.23 -21.17
C LEU B 187 -13.17 24.81 -22.59
N TYR B 188 -13.97 24.16 -23.45
CA TYR B 188 -14.19 24.71 -24.80
C TYR B 188 -14.71 26.15 -24.79
N ALA B 189 -15.34 26.59 -23.69
CA ALA B 189 -15.68 28.00 -23.55
C ALA B 189 -14.42 28.87 -23.50
N LEU B 190 -13.52 28.56 -22.56
CA LEU B 190 -12.29 29.33 -22.40
C LEU B 190 -11.32 29.12 -23.56
N LEU B 191 -11.49 28.05 -24.34
CA LEU B 191 -10.49 27.63 -25.31
C LEU B 191 -9.98 28.79 -26.18
N PRO B 192 -10.80 29.36 -27.11
CA PRO B 192 -10.23 30.19 -28.19
C PRO B 192 -9.38 31.33 -27.66
N GLU B 193 -9.63 31.67 -26.39
CA GLU B 193 -8.86 32.70 -25.71
C GLU B 193 -7.47 32.21 -25.32
N PHE B 194 -7.30 30.90 -25.08
CA PHE B 194 -6.01 30.35 -24.67
C PHE B 194 -5.37 29.46 -25.73
N LEU B 195 -6.05 29.21 -26.84
CA LEU B 195 -5.44 28.56 -27.98
C LEU B 195 -4.88 29.65 -28.90
N GLU B 196 -3.56 29.72 -28.97
CA GLU B 196 -2.86 30.73 -29.74
C GLU B 196 -1.53 30.14 -30.21
N GLU B 197 -0.64 31.00 -30.68
CA GLU B 197 0.64 30.59 -31.21
C GLU B 197 1.76 30.92 -30.23
N PHE B 198 2.83 30.15 -30.31
CA PHE B 198 3.96 30.33 -29.41
C PHE B 198 4.93 31.37 -29.95
N PRO B 199 5.25 32.43 -29.22
CA PRO B 199 6.33 33.33 -29.65
C PRO B 199 7.68 32.64 -29.60
N GLU B 200 8.54 32.89 -30.60
CA GLU B 200 9.85 32.26 -30.64
C GLU B 200 10.77 32.78 -29.54
N LEU B 201 11.67 31.91 -29.09
CA LEU B 201 12.53 32.18 -27.94
C LEU B 201 13.64 33.16 -28.31
N GLU B 202 13.66 34.33 -27.67
CA GLU B 202 14.77 35.24 -27.84
C GLU B 202 16.00 34.71 -27.11
N PRO B 203 17.13 34.55 -27.79
CA PRO B 203 18.36 34.15 -27.09
C PRO B 203 18.84 35.24 -26.14
N ASN B 204 19.81 34.87 -25.30
CA ASN B 204 20.44 35.82 -24.38
C ASN B 204 21.41 36.74 -25.10
N SER B 205 21.34 38.03 -24.77
CA SER B 205 22.33 38.98 -25.26
C SER B 205 23.36 39.32 -24.21
N VAL B 206 22.96 39.35 -22.94
CA VAL B 206 23.86 39.57 -21.83
C VAL B 206 24.59 38.27 -21.52
N THR B 207 25.87 38.39 -21.16
CA THR B 207 26.73 37.22 -20.99
C THR B 207 26.63 36.70 -19.56
N PRO B 208 26.12 35.48 -19.34
CA PRO B 208 26.07 34.94 -17.98
C PRO B 208 27.47 34.57 -17.50
N GLU B 209 27.89 35.17 -16.39
CA GLU B 209 29.18 34.85 -15.78
C GLU B 209 29.21 33.41 -15.25
N ASN B 240 20.81 -4.71 -16.65
CA ASN B 240 19.78 -3.75 -16.25
C ASN B 240 18.72 -4.41 -15.35
N LYS B 241 18.14 -3.61 -14.45
CA LYS B 241 17.14 -4.15 -13.52
C LYS B 241 15.92 -4.65 -14.27
N ASP B 242 15.37 -3.81 -15.17
CA ASP B 242 14.39 -4.34 -16.11
C ASP B 242 15.16 -5.12 -17.18
N PRO B 243 15.11 -6.46 -17.17
CA PRO B 243 15.85 -7.22 -18.19
C PRO B 243 15.17 -7.19 -19.55
N LEU B 244 13.85 -6.98 -19.59
CA LEU B 244 13.02 -7.10 -20.77
C LEU B 244 12.84 -5.77 -21.52
N PHE B 245 13.20 -4.65 -20.93
CA PHE B 245 12.86 -3.38 -21.55
C PHE B 245 13.47 -3.27 -22.94
N GLU B 246 12.65 -2.91 -23.91
CA GLU B 246 13.08 -2.78 -25.30
C GLU B 246 13.20 -1.31 -25.65
N PRO B 247 14.41 -0.73 -25.63
CA PRO B 247 14.56 0.72 -25.83
C PRO B 247 14.51 1.20 -27.29
N TRP B 248 14.48 0.30 -28.28
CA TRP B 248 14.46 0.85 -29.64
C TRP B 248 13.11 1.41 -30.02
N HIS B 249 12.16 1.47 -29.10
CA HIS B 249 10.80 1.79 -29.50
C HIS B 249 10.56 3.29 -29.61
N PHE B 250 10.96 4.04 -28.58
CA PHE B 250 10.78 5.48 -28.53
C PHE B 250 12.16 6.10 -28.38
N GLU B 251 12.55 6.94 -29.37
CA GLU B 251 13.78 7.72 -29.26
C GLU B 251 13.56 8.91 -28.33
N PRO B 252 14.40 9.08 -27.31
CA PRO B 252 14.29 10.26 -26.42
C PRO B 252 14.74 11.53 -27.12
N GLY B 253 13.91 12.56 -27.07
CA GLY B 253 14.29 13.82 -27.66
C GLY B 253 13.15 14.81 -27.85
N GLU B 254 13.40 16.07 -27.52
CA GLU B 254 12.54 17.12 -28.04
C GLU B 254 12.52 17.04 -29.55
N LYS B 255 13.69 16.88 -30.15
CA LYS B 255 13.76 16.68 -31.59
C LYS B 255 12.97 15.44 -32.01
N ALA B 256 13.08 14.35 -31.23
CA ALA B 256 12.39 13.12 -31.59
C ALA B 256 10.89 13.22 -31.34
N ALA B 257 10.49 13.88 -30.24
CA ALA B 257 9.07 14.18 -30.04
C ALA B 257 8.47 14.82 -31.29
N LYS B 258 9.19 15.75 -31.89
CA LYS B 258 8.72 16.43 -33.09
C LYS B 258 8.35 15.44 -34.22
N LYS B 259 9.25 14.50 -34.52
CA LYS B 259 9.02 13.60 -35.64
C LYS B 259 7.88 12.62 -35.38
N VAL B 260 7.74 12.16 -34.14
CA VAL B 260 6.63 11.29 -33.75
C VAL B 260 5.31 12.02 -33.94
N MET B 261 5.29 13.32 -33.63
CA MET B 261 4.08 14.13 -33.82
C MET B 261 3.69 14.22 -35.28
N GLU B 262 4.66 14.34 -36.19
CA GLU B 262 4.30 14.50 -37.61
C GLU B 262 3.83 13.18 -38.20
N SER B 263 4.56 12.10 -37.94
CA SER B 263 4.10 10.77 -38.35
C SER B 263 2.65 10.53 -37.93
N PHE B 264 2.24 11.04 -36.76
CA PHE B 264 0.87 10.84 -36.33
C PHE B 264 -0.13 11.52 -37.24
N ILE B 265 0.25 12.67 -37.81
CA ILE B 265 -0.68 13.42 -38.62
C ILE B 265 -0.72 12.89 -40.05
N ALA B 266 0.39 12.35 -40.54
CA ALA B 266 0.45 11.88 -41.92
C ALA B 266 0.04 10.42 -42.09
N ASP B 267 -0.15 9.67 -41.00
CA ASP B 267 -0.36 8.23 -41.13
C ASP B 267 -1.46 7.67 -40.23
N ARG B 268 -1.75 8.28 -39.10
CA ARG B 268 -2.55 7.64 -38.07
C ARG B 268 -3.76 8.47 -37.64
N LEU B 269 -3.62 9.79 -37.54
CA LEU B 269 -4.73 10.65 -37.13
C LEU B 269 -6.00 10.40 -37.93
N ASP B 270 -5.88 10.25 -39.25
CA ASP B 270 -7.08 10.14 -40.07
C ASP B 270 -7.92 8.93 -39.68
N SER B 271 -7.27 7.81 -39.43
CA SER B 271 -7.93 6.57 -39.06
C SER B 271 -7.97 6.36 -37.55
N TYR B 272 -7.57 7.37 -36.76
CA TYR B 272 -7.50 7.23 -35.30
C TYR B 272 -8.88 6.98 -34.69
N GLY B 273 -9.93 7.55 -35.27
CA GLY B 273 -11.24 7.42 -34.66
C GLY B 273 -11.72 5.97 -34.57
N ALA B 274 -11.55 5.22 -35.65
CA ALA B 274 -12.11 3.88 -35.73
C ALA B 274 -11.15 2.78 -35.31
N LEU B 275 -9.90 3.12 -35.01
CA LEU B 275 -8.91 2.12 -34.61
C LEU B 275 -8.33 2.40 -33.23
N ARG B 276 -8.69 3.33 -32.50
CA ARG B 276 -8.09 3.71 -31.20
C ARG B 276 -8.32 2.67 -30.11
N ASN B 277 -9.53 1.97 -30.21
CA ASN B 277 -9.81 0.96 -29.18
C ASN B 277 -9.42 -0.46 -29.60
N ASP B 278 -8.62 -0.60 -30.65
CA ASP B 278 -8.15 -1.91 -31.12
C ASP B 278 -6.63 -2.03 -31.00
N PRO B 279 -6.11 -2.71 -29.98
CA PRO B 279 -4.66 -2.79 -29.74
C PRO B 279 -3.88 -3.63 -30.75
N THR B 280 -4.53 -4.38 -31.66
CA THR B 280 -3.77 -5.02 -32.72
C THR B 280 -3.18 -4.02 -33.71
N LYS B 281 -3.74 -2.81 -33.79
CA LYS B 281 -3.35 -1.81 -34.79
C LYS B 281 -2.90 -0.54 -34.07
N ASN B 282 -1.69 -0.07 -34.37
CA ASN B 282 -1.13 1.10 -33.66
C ASN B 282 -1.49 2.37 -34.41
N MET B 283 -2.69 2.87 -34.13
CA MET B 283 -3.14 4.20 -34.53
C MET B 283 -3.29 5.11 -33.32
N LEU B 284 -2.57 4.85 -32.25
CA LEU B 284 -2.40 5.82 -31.19
C LEU B 284 -1.17 6.67 -31.50
N SER B 285 -1.13 7.88 -30.93
CA SER B 285 -0.08 8.83 -31.31
C SER B 285 1.28 8.51 -30.70
N ASN B 286 1.32 7.73 -29.63
CA ASN B 286 2.55 7.36 -28.92
C ASN B 286 3.23 8.58 -28.28
N LEU B 287 2.44 9.64 -28.04
CA LEU B 287 2.94 10.91 -27.50
C LEU B 287 3.08 10.92 -25.98
N SER B 288 2.49 9.97 -25.28
CA SER B 288 2.41 10.06 -23.82
C SER B 288 3.76 10.17 -23.13
N PRO B 289 4.82 9.43 -23.51
CA PRO B 289 6.12 9.67 -22.85
C PRO B 289 6.65 11.08 -23.05
N TYR B 290 6.51 11.66 -24.26
CA TYR B 290 6.98 13.01 -24.52
C TYR B 290 6.14 14.04 -23.78
N LEU B 291 4.82 13.82 -23.76
CA LEU B 291 3.94 14.66 -22.97
C LEU B 291 4.34 14.63 -21.51
N HIS B 292 4.46 13.43 -20.96
CA HIS B 292 4.68 13.33 -19.52
C HIS B 292 5.91 14.12 -19.10
N PHE B 293 7.04 13.88 -19.77
CA PHE B 293 8.27 14.61 -19.49
C PHE B 293 8.29 15.97 -20.19
N GLY B 294 7.18 16.36 -20.78
CA GLY B 294 7.08 17.69 -21.33
C GLY B 294 8.04 17.95 -22.46
N GLN B 295 8.54 16.90 -23.11
CA GLN B 295 9.44 17.11 -24.25
C GLN B 295 8.73 17.70 -25.46
N ILE B 296 7.40 17.55 -25.58
CA ILE B 296 6.57 18.24 -26.56
C ILE B 296 5.45 18.96 -25.83
N SER B 297 4.93 20.01 -26.46
CA SER B 297 3.87 20.82 -25.85
C SER B 297 2.48 20.33 -26.24
N SER B 298 1.59 20.30 -25.25
CA SER B 298 0.20 20.01 -25.51
C SER B 298 -0.39 20.99 -26.50
N GLN B 299 0.00 22.26 -26.39
CA GLN B 299 -0.55 23.28 -27.29
C GLN B 299 -0.07 23.06 -28.72
N ARG B 300 1.22 22.75 -28.89
CA ARG B 300 1.77 22.55 -30.22
C ARG B 300 1.07 21.42 -30.95
N VAL B 301 0.77 20.32 -30.24
CA VAL B 301 0.17 19.18 -30.92
C VAL B 301 -1.22 19.54 -31.45
N VAL B 302 -2.03 20.22 -30.65
CA VAL B 302 -3.35 20.60 -31.13
C VAL B 302 -3.23 21.65 -32.24
N LEU B 303 -2.25 22.56 -32.12
CA LEU B 303 -2.03 23.55 -33.17
C LEU B 303 -1.82 22.87 -34.52
N GLU B 304 -1.14 21.72 -34.53
CA GLU B 304 -0.95 21.01 -35.78
C GLU B 304 -2.25 20.37 -36.24
N VAL B 305 -2.98 19.79 -35.29
CA VAL B 305 -4.17 18.99 -35.61
C VAL B 305 -5.25 19.85 -36.28
N GLU B 306 -5.57 20.99 -35.68
CA GLU B 306 -6.65 21.84 -36.17
C GLU B 306 -6.32 22.49 -37.51
N LYS B 307 -5.06 22.44 -37.93
CA LYS B 307 -4.66 22.84 -39.27
C LYS B 307 -4.50 21.65 -40.20
N ALA B 308 -4.30 20.45 -39.66
CA ALA B 308 -4.20 19.24 -40.46
C ALA B 308 -5.55 18.88 -41.04
N GLU B 309 -5.51 18.04 -42.07
CA GLU B 309 -6.64 17.76 -42.96
C GLU B 309 -7.00 16.28 -42.85
N SER B 310 -7.95 15.97 -41.98
CA SER B 310 -8.31 14.60 -41.69
C SER B 310 -9.80 14.52 -41.46
N ASN B 311 -10.27 13.32 -41.10
CA ASN B 311 -11.65 13.12 -40.71
C ASN B 311 -12.02 14.08 -39.59
N PRO B 312 -13.09 14.86 -39.72
CA PRO B 312 -13.50 15.75 -38.62
C PRO B 312 -14.02 15.02 -37.38
N GLY B 313 -14.23 13.70 -37.44
CA GLY B 313 -14.59 12.92 -36.27
C GLY B 313 -13.36 12.28 -35.65
N SER B 314 -12.41 11.93 -36.51
CA SER B 314 -11.09 11.56 -36.03
C SER B 314 -10.37 12.76 -35.43
N LYS B 315 -10.55 13.94 -36.03
CA LYS B 315 -10.05 15.17 -35.41
C LYS B 315 -10.71 15.40 -34.06
N LYS B 316 -12.03 15.20 -33.97
CA LYS B 316 -12.74 15.46 -32.72
C LYS B 316 -12.30 14.51 -31.61
N ALA B 317 -12.27 13.21 -31.92
CA ALA B 317 -11.98 12.19 -30.91
C ALA B 317 -10.65 12.45 -30.23
N PHE B 318 -9.62 12.75 -31.01
CA PHE B 318 -8.29 12.95 -30.43
C PHE B 318 -8.27 14.21 -29.56
N LEU B 319 -8.78 15.32 -30.10
CA LEU B 319 -8.88 16.54 -29.33
C LEU B 319 -9.57 16.30 -28.01
N ASP B 320 -10.63 15.49 -27.99
CA ASP B 320 -11.31 15.22 -26.74
C ASP B 320 -10.47 14.35 -25.80
N GLU B 321 -9.43 13.69 -26.29
CA GLU B 321 -8.54 12.98 -25.37
C GLU B 321 -7.38 13.86 -24.93
N ILE B 322 -6.81 14.62 -25.86
CA ILE B 322 -5.67 15.47 -25.54
C ILE B 322 -6.12 16.73 -24.79
N LEU B 323 -7.40 17.12 -24.89
CA LEU B 323 -7.95 18.30 -24.20
C LEU B 323 -8.82 17.95 -23.00
N ILE B 324 -9.93 17.22 -23.21
CA ILE B 324 -10.88 16.94 -22.14
C ILE B 324 -10.31 15.96 -21.09
N TRP B 325 -9.53 14.96 -21.52
CA TRP B 325 -9.08 13.91 -20.63
C TRP B 325 -7.71 14.14 -20.03
N LYS B 326 -6.78 14.75 -20.78
CA LYS B 326 -5.49 15.13 -20.20
C LYS B 326 -5.64 16.25 -19.15
N GLU B 327 -6.53 17.20 -19.38
CA GLU B 327 -6.64 18.31 -18.45
C GLU B 327 -7.68 18.07 -17.36
N ILE B 328 -8.61 17.13 -17.54
CA ILE B 328 -9.47 16.77 -16.40
C ILE B 328 -8.70 15.90 -15.42
N SER B 329 -7.68 15.20 -15.90
CA SER B 329 -6.74 14.56 -14.98
C SER B 329 -5.99 15.59 -14.18
N ASP B 330 -5.74 16.76 -14.78
CA ASP B 330 -5.15 17.83 -13.99
C ASP B 330 -6.18 18.47 -13.05
N ASN B 331 -7.47 18.46 -13.43
CA ASN B 331 -8.50 18.91 -12.51
C ASN B 331 -8.57 18.00 -11.29
N PHE B 332 -8.49 16.69 -11.51
CA PHE B 332 -8.63 15.74 -10.43
C PHE B 332 -7.60 15.99 -9.33
N CYS B 333 -6.31 15.97 -9.69
CA CYS B 333 -5.25 16.00 -8.69
C CYS B 333 -5.13 17.36 -8.03
N TYR B 334 -5.40 18.45 -8.79
CA TYR B 334 -5.35 19.78 -8.19
C TYR B 334 -6.46 19.99 -7.18
N TYR B 335 -7.62 19.35 -7.38
CA TYR B 335 -8.78 19.56 -6.53
C TYR B 335 -9.05 18.41 -5.56
N ASN B 336 -8.22 17.38 -5.54
CA ASN B 336 -8.36 16.30 -4.56
C ASN B 336 -6.94 15.93 -4.10
N PRO B 337 -6.53 16.42 -2.92
CA PRO B 337 -5.17 16.14 -2.42
C PRO B 337 -4.91 14.67 -2.09
N GLY B 338 -5.95 13.85 -2.04
CA GLY B 338 -5.81 12.44 -1.77
C GLY B 338 -6.18 11.69 -3.02
N TYR B 339 -5.71 12.20 -4.16
CA TYR B 339 -6.13 11.66 -5.46
C TYR B 339 -5.83 10.17 -5.58
N ASP B 340 -4.77 9.68 -4.93
CA ASP B 340 -4.37 8.31 -5.13
C ASP B 340 -4.93 7.40 -4.06
N GLY B 341 -5.90 7.87 -3.28
CA GLY B 341 -6.44 7.07 -2.22
C GLY B 341 -7.86 6.66 -2.55
N PHE B 342 -8.34 5.59 -1.90
CA PHE B 342 -9.74 5.19 -2.00
C PHE B 342 -10.69 6.33 -1.66
N GLU B 343 -10.22 7.32 -0.90
CA GLU B 343 -11.10 8.38 -0.42
C GLU B 343 -11.56 9.30 -1.53
N SER B 344 -10.87 9.30 -2.67
CA SER B 344 -11.27 10.14 -3.78
C SER B 344 -12.52 9.61 -4.48
N PHE B 345 -12.65 8.29 -4.65
CA PHE B 345 -13.78 7.67 -5.34
C PHE B 345 -15.10 8.36 -4.99
N PRO B 346 -15.95 8.65 -5.98
CA PRO B 346 -17.30 9.17 -5.67
C PRO B 346 -18.06 8.32 -4.66
N SER B 347 -19.09 8.93 -4.07
CA SER B 347 -19.80 8.32 -2.96
C SER B 347 -20.45 7.00 -3.35
N TRP B 348 -21.06 6.94 -4.54
CA TRP B 348 -21.70 5.71 -4.96
C TRP B 348 -20.67 4.61 -5.09
N ALA B 349 -19.47 4.96 -5.57
CA ALA B 349 -18.43 3.95 -5.73
C ALA B 349 -17.94 3.40 -4.38
N LYS B 350 -17.70 4.28 -3.39
CA LYS B 350 -17.29 3.80 -2.06
C LYS B 350 -18.39 2.98 -1.40
N GLU B 351 -19.63 3.48 -1.43
CA GLU B 351 -20.76 2.78 -0.84
C GLU B 351 -20.96 1.39 -1.45
N SER B 352 -20.74 1.25 -2.75
CA SER B 352 -20.96 -0.04 -3.41
C SER B 352 -19.76 -0.97 -3.26
N LEU B 353 -18.53 -0.43 -3.34
CA LEU B 353 -17.39 -1.31 -3.14
C LEU B 353 -17.37 -1.86 -1.73
N ASN B 354 -17.97 -1.12 -0.78
CA ASN B 354 -17.94 -1.49 0.64
C ASN B 354 -18.84 -2.68 0.93
N ALA B 355 -20.02 -2.72 0.30
CA ALA B 355 -20.97 -3.80 0.37
C ALA B 355 -20.53 -5.02 -0.45
N HIS B 356 -19.31 -5.01 -0.97
CA HIS B 356 -18.80 -6.16 -1.70
C HIS B 356 -17.39 -6.55 -1.24
N ARG B 357 -16.87 -5.89 -0.20
CA ARG B 357 -15.58 -6.22 0.38
C ARG B 357 -15.50 -7.67 0.79
N ASN B 358 -16.63 -8.25 1.25
CA ASN B 358 -16.67 -9.61 1.76
C ASN B 358 -16.99 -10.65 0.69
N ASP B 359 -17.26 -10.26 -0.56
CA ASP B 359 -17.63 -11.23 -1.58
C ASP B 359 -16.45 -12.15 -1.91
N VAL B 360 -16.75 -13.42 -2.19
CA VAL B 360 -15.67 -14.38 -2.40
C VAL B 360 -15.00 -14.11 -3.74
N ARG B 361 -13.74 -13.69 -3.70
CA ARG B 361 -13.01 -13.44 -4.94
C ARG B 361 -12.74 -14.76 -5.68
N SER B 362 -12.95 -14.73 -7.00
CA SER B 362 -12.72 -15.96 -7.76
C SER B 362 -11.23 -16.22 -7.95
N HIS B 363 -10.39 -15.22 -7.73
CA HIS B 363 -8.95 -15.37 -7.77
C HIS B 363 -8.33 -14.24 -6.96
N ILE B 364 -7.26 -14.55 -6.23
CA ILE B 364 -6.53 -13.53 -5.50
C ILE B 364 -5.06 -13.67 -5.86
N TYR B 365 -4.49 -12.60 -6.41
CA TYR B 365 -3.10 -12.57 -6.81
C TYR B 365 -2.38 -11.54 -5.97
N THR B 366 -1.09 -11.76 -5.75
CA THR B 366 -0.25 -10.78 -5.08
C THR B 366 0.49 -9.93 -6.10
N LEU B 367 0.79 -8.68 -5.70
CA LEU B 367 1.60 -7.75 -6.46
C LEU B 367 2.65 -8.47 -7.30
N GLU B 368 3.35 -9.43 -6.71
CA GLU B 368 4.42 -10.09 -7.43
C GLU B 368 3.88 -11.02 -8.49
N GLU B 369 2.69 -11.56 -8.30
CA GLU B 369 2.13 -12.41 -9.35
C GLU B 369 1.61 -11.56 -10.50
N PHE B 370 0.94 -10.46 -10.19
CA PHE B 370 0.56 -9.49 -11.21
C PHE B 370 1.78 -9.03 -12.01
N GLU B 371 2.88 -8.72 -11.30
CA GLU B 371 4.04 -8.10 -11.93
C GLU B 371 4.65 -8.99 -13.00
N ALA B 372 4.59 -10.32 -12.82
CA ALA B 372 5.25 -11.26 -13.69
C ALA B 372 4.28 -12.01 -14.61
N GLY B 373 3.09 -11.46 -14.83
CA GLY B 373 2.15 -12.08 -15.77
C GLY B 373 1.73 -13.48 -15.38
N LYS B 374 1.62 -13.76 -14.09
CA LYS B 374 1.27 -15.09 -13.62
C LYS B 374 -0.21 -15.22 -13.26
N THR B 375 -1.10 -14.59 -14.05
CA THR B 375 -2.53 -14.78 -13.87
C THR B 375 -3.07 -15.76 -14.90
N HIS B 376 -4.25 -16.32 -14.61
CA HIS B 376 -4.96 -17.26 -15.48
C HIS B 376 -5.46 -16.66 -16.79
N ASP B 377 -5.30 -15.35 -17.01
CA ASP B 377 -5.90 -14.66 -18.16
C ASP B 377 -4.84 -14.33 -19.20
N PRO B 378 -4.69 -15.14 -20.24
CA PRO B 378 -3.62 -14.84 -21.22
C PRO B 378 -3.69 -13.43 -21.77
N LEU B 379 -4.90 -12.87 -21.90
CA LEU B 379 -5.07 -11.52 -22.42
C LEU B 379 -4.53 -10.49 -21.43
N TRP B 380 -4.84 -10.67 -20.15
CA TRP B 380 -4.26 -9.80 -19.15
C TRP B 380 -2.74 -9.98 -19.07
N ASN B 381 -2.25 -11.22 -19.09
CA ASN B 381 -0.81 -11.40 -19.09
C ASN B 381 -0.20 -10.72 -20.30
N ALA B 382 -0.91 -10.78 -21.44
CA ALA B 382 -0.41 -10.18 -22.67
C ALA B 382 -0.27 -8.66 -22.55
N SER B 383 -1.24 -7.98 -21.93
CA SER B 383 -1.10 -6.54 -21.72
C SER B 383 -0.04 -6.23 -20.68
N GLN B 384 0.07 -7.04 -19.62
CA GLN B 384 1.15 -6.83 -18.65
C GLN B 384 2.50 -6.98 -19.33
N MET B 385 2.60 -7.94 -20.24
CA MET B 385 3.85 -8.16 -20.96
C MET B 385 4.19 -7.02 -21.90
N GLU B 386 3.19 -6.36 -22.48
CA GLU B 386 3.45 -5.18 -23.29
C GLU B 386 4.00 -4.06 -22.42
N LEU B 387 3.37 -3.81 -21.27
CA LEU B 387 3.83 -2.78 -20.37
C LEU B 387 5.28 -3.04 -19.94
N LEU B 388 5.65 -4.31 -19.79
CA LEU B 388 6.99 -4.61 -19.30
C LEU B 388 8.03 -4.41 -20.38
N SER B 389 7.71 -4.79 -21.61
CA SER B 389 8.67 -4.78 -22.72
C SER B 389 8.69 -3.46 -23.48
N THR B 390 7.52 -3.00 -23.89
CA THR B 390 7.41 -1.77 -24.64
C THR B 390 7.37 -0.56 -23.71
N GLY B 391 6.95 -0.75 -22.47
CA GLY B 391 6.84 0.38 -21.56
C GLY B 391 5.72 1.33 -21.89
N LYS B 392 4.75 0.89 -22.71
CA LYS B 392 3.59 1.70 -23.07
C LYS B 392 2.43 0.75 -23.37
N MET B 393 1.65 0.43 -22.34
CA MET B 393 0.48 -0.40 -22.59
C MET B 393 -0.52 0.38 -23.42
N HIS B 394 -1.06 -0.25 -24.47
CA HIS B 394 -2.05 0.36 -25.34
C HIS B 394 -3.18 1.01 -24.55
N GLY B 395 -3.88 1.97 -25.16
CA GLY B 395 -4.84 2.75 -24.41
C GLY B 395 -6.01 1.94 -23.90
N TYR B 396 -6.65 1.17 -24.78
CA TYR B 396 -7.83 0.41 -24.39
C TYR B 396 -7.47 -0.67 -23.36
N MET B 397 -6.33 -1.33 -23.54
CA MET B 397 -6.00 -2.45 -22.66
C MET B 397 -5.70 -1.97 -21.26
N ARG B 398 -5.15 -0.75 -21.11
CA ARG B 398 -4.94 -0.18 -19.78
C ARG B 398 -6.21 -0.27 -18.94
N MET B 399 -7.36 0.07 -19.54
CA MET B 399 -8.62 0.01 -18.81
C MET B 399 -8.90 -1.41 -18.33
N TYR B 400 -8.80 -2.38 -19.23
CA TYR B 400 -8.93 -3.79 -18.90
C TYR B 400 -8.01 -4.18 -17.76
N TRP B 401 -6.73 -3.85 -17.91
CA TRP B 401 -5.71 -4.30 -16.98
C TRP B 401 -5.98 -3.80 -15.56
N ALA B 402 -6.33 -2.52 -15.44
CA ALA B 402 -6.62 -1.95 -14.13
C ALA B 402 -7.91 -2.50 -13.53
N LYS B 403 -8.82 -3.04 -14.35
CA LYS B 403 -10.09 -3.54 -13.84
C LYS B 403 -10.03 -5.01 -13.45
N LYS B 404 -9.16 -5.82 -14.07
CA LYS B 404 -8.97 -7.18 -13.59
C LYS B 404 -8.23 -7.19 -12.26
N ILE B 405 -7.25 -6.30 -12.11
CA ILE B 405 -6.60 -6.09 -10.81
C ILE B 405 -7.63 -5.92 -9.71
N LEU B 406 -8.72 -5.21 -10.00
CA LEU B 406 -9.75 -4.95 -8.99
C LEU B 406 -10.47 -6.23 -8.53
N GLU B 407 -10.86 -7.09 -9.46
CA GLU B 407 -11.61 -8.25 -8.97
C GLU B 407 -10.73 -9.44 -8.60
N TRP B 408 -9.43 -9.45 -8.92
CA TRP B 408 -8.61 -10.60 -8.54
C TRP B 408 -7.62 -10.28 -7.43
N SER B 409 -7.95 -9.31 -6.57
CA SER B 409 -7.12 -8.93 -5.44
C SER B 409 -7.95 -8.92 -4.17
N GLU B 410 -7.23 -8.84 -3.06
CA GLU B 410 -7.84 -9.06 -1.76
C GLU B 410 -8.88 -8.00 -1.41
N SER B 411 -8.62 -6.72 -1.76
CA SER B 411 -9.42 -5.59 -1.30
C SER B 411 -9.33 -4.47 -2.34
N PRO B 412 -10.28 -3.51 -2.32
CA PRO B 412 -10.15 -2.34 -3.23
C PRO B 412 -8.98 -1.42 -2.90
N GLU B 413 -8.56 -1.32 -1.63
CA GLU B 413 -7.32 -0.60 -1.32
C GLU B 413 -6.09 -1.29 -1.91
N LYS B 414 -6.05 -2.64 -1.94
CA LYS B 414 -4.88 -3.31 -2.51
C LYS B 414 -4.86 -3.32 -4.04
N ALA B 415 -6.01 -3.38 -4.71
CA ALA B 415 -6.02 -3.21 -6.17
C ALA B 415 -5.49 -1.82 -6.54
N LEU B 416 -5.99 -0.79 -5.86
CA LEU B 416 -5.45 0.56 -6.05
C LEU B 416 -3.97 0.62 -5.74
N GLU B 417 -3.54 -0.04 -4.67
CA GLU B 417 -2.12 -0.05 -4.32
C GLU B 417 -1.29 -0.80 -5.35
N ILE B 418 -1.81 -1.88 -5.92
CA ILE B 418 -1.07 -2.61 -6.94
C ILE B 418 -1.13 -1.89 -8.28
N ALA B 419 -2.29 -1.35 -8.66
CA ALA B 419 -2.38 -0.66 -9.93
C ALA B 419 -1.35 0.48 -10.00
N ILE B 420 -1.45 1.44 -9.07
CA ILE B 420 -0.53 2.57 -9.03
C ILE B 420 0.92 2.09 -9.09
N CYS B 421 1.24 1.05 -8.33
CA CYS B 421 2.60 0.54 -8.26
C CYS B 421 3.13 0.19 -9.64
N LEU B 422 2.51 -0.79 -10.29
CA LEU B 422 3.04 -1.28 -11.55
C LEU B 422 3.05 -0.19 -12.60
N ASN B 423 2.10 0.75 -12.51
CA ASN B 423 2.00 1.78 -13.53
C ASN B 423 3.20 2.71 -13.47
N ASP B 424 3.47 3.27 -12.29
CA ASP B 424 4.60 4.18 -12.13
C ASP B 424 5.93 3.46 -12.24
N ARG B 425 5.95 2.15 -12.02
CA ARG B 425 7.21 1.44 -12.16
C ARG B 425 7.57 1.23 -13.62
N TYR B 426 6.60 0.88 -14.46
CA TYR B 426 6.92 0.49 -15.83
C TYR B 426 6.39 1.40 -16.92
N GLU B 427 5.31 2.18 -16.73
CA GLU B 427 4.82 3.02 -17.82
C GLU B 427 5.76 4.20 -18.03
N LEU B 428 6.24 4.37 -19.26
CA LEU B 428 7.08 5.51 -19.57
C LEU B 428 6.36 6.82 -19.25
N ASP B 429 5.04 6.82 -19.33
CA ASP B 429 4.26 8.00 -19.00
C ASP B 429 3.77 8.00 -17.56
N GLY B 430 4.28 7.11 -16.74
CA GLY B 430 3.80 6.96 -15.38
C GLY B 430 4.14 8.16 -14.50
N ARG B 431 3.78 8.01 -13.22
CA ARG B 431 3.92 9.06 -12.19
C ARG B 431 3.27 10.35 -12.66
N ASP B 432 2.04 10.22 -13.17
CA ASP B 432 1.41 11.31 -13.89
C ASP B 432 -0.01 11.50 -13.39
N PRO B 433 -0.50 12.75 -13.35
CA PRO B 433 -1.94 12.98 -13.14
C PRO B 433 -2.81 12.15 -14.09
N ASN B 434 -2.45 12.03 -15.37
CA ASN B 434 -3.15 11.06 -16.25
C ASN B 434 -3.16 9.68 -15.60
N GLY B 435 -1.98 9.18 -15.26
CA GLY B 435 -1.92 7.89 -14.58
C GLY B 435 -2.88 7.81 -13.41
N TYR B 436 -2.84 8.80 -12.52
CA TYR B 436 -3.61 8.68 -11.30
C TYR B 436 -5.11 8.72 -11.61
N ALA B 437 -5.53 9.65 -12.45
CA ALA B 437 -6.95 9.75 -12.80
C ALA B 437 -7.41 8.56 -13.67
N GLY B 438 -6.50 7.97 -14.45
CA GLY B 438 -6.87 6.79 -15.23
C GLY B 438 -7.17 5.59 -14.35
N ILE B 439 -6.33 5.36 -13.35
CA ILE B 439 -6.55 4.30 -12.37
C ILE B 439 -7.78 4.59 -11.53
N ALA B 440 -7.96 5.85 -11.10
CA ALA B 440 -9.15 6.17 -10.32
C ALA B 440 -10.43 6.10 -11.17
N TRP B 441 -10.32 6.35 -12.48
CA TRP B 441 -11.46 6.10 -13.36
C TRP B 441 -11.78 4.61 -13.42
N SER B 442 -10.79 3.76 -13.74
CA SER B 442 -11.00 2.32 -13.82
C SER B 442 -11.50 1.73 -12.52
N ILE B 443 -10.79 2.02 -11.43
CA ILE B 443 -11.04 1.30 -10.20
C ILE B 443 -12.11 1.99 -9.36
N GLY B 444 -12.26 3.29 -9.49
CA GLY B 444 -13.20 3.96 -8.63
C GLY B 444 -14.33 4.70 -9.30
N GLY B 445 -14.48 4.63 -10.62
CA GLY B 445 -15.53 5.40 -11.27
C GLY B 445 -15.41 6.92 -11.18
N VAL B 446 -14.24 7.45 -10.78
CA VAL B 446 -13.98 8.88 -10.92
C VAL B 446 -14.19 9.26 -12.39
N HIS B 447 -15.05 10.25 -12.64
CA HIS B 447 -15.35 10.74 -13.99
C HIS B 447 -16.16 9.73 -14.80
N ASP B 448 -16.66 8.69 -14.17
CA ASP B 448 -17.45 7.71 -14.90
C ASP B 448 -18.81 7.56 -14.19
N ARG B 449 -19.71 6.80 -14.80
CA ARG B 449 -21.02 6.53 -14.22
C ARG B 449 -21.04 5.15 -13.58
N ALA B 450 -22.15 4.83 -12.92
CA ALA B 450 -22.37 3.53 -12.31
C ALA B 450 -23.07 2.60 -13.30
N TRP B 451 -23.01 1.31 -13.03
CA TRP B 451 -23.62 0.33 -13.93
C TRP B 451 -24.35 -0.75 -13.14
N GLY B 452 -24.41 -1.96 -13.68
CA GLY B 452 -25.16 -3.03 -13.04
C GLY B 452 -24.34 -3.74 -11.97
N GLU B 453 -25.00 -4.22 -10.95
CA GLU B 453 -24.29 -4.75 -9.79
C GLU B 453 -23.74 -6.14 -10.09
N ARG B 454 -22.42 -6.29 -9.98
CA ARG B 454 -21.76 -7.58 -9.99
C ARG B 454 -21.18 -7.84 -8.61
N GLU B 455 -20.85 -9.10 -8.33
CA GLU B 455 -20.12 -9.39 -7.10
C GLU B 455 -18.71 -8.80 -7.20
N VAL B 456 -18.07 -8.62 -6.03
CA VAL B 456 -16.70 -8.12 -5.90
C VAL B 456 -16.58 -6.67 -6.38
N THR B 457 -17.05 -6.37 -7.59
CA THR B 457 -16.83 -5.05 -8.17
C THR B 457 -18.03 -4.12 -8.07
N GLY B 458 -19.17 -4.63 -7.60
CA GLY B 458 -20.35 -3.77 -7.47
C GLY B 458 -20.71 -3.13 -8.80
N LYS B 459 -20.90 -1.80 -8.76
CA LYS B 459 -21.42 -1.03 -9.87
C LYS B 459 -20.34 -0.25 -10.63
N ILE B 460 -19.08 -0.64 -10.45
CA ILE B 460 -18.00 -0.14 -11.31
C ILE B 460 -18.16 -0.75 -12.67
N ARG B 461 -17.84 0.03 -13.71
CA ARG B 461 -17.96 -0.50 -15.07
C ARG B 461 -17.13 -1.77 -15.20
N TYR B 462 -17.76 -2.81 -15.76
CA TYR B 462 -17.13 -4.11 -15.95
C TYR B 462 -16.72 -4.33 -17.41
N MET B 463 -15.53 -4.85 -17.61
CA MET B 463 -15.06 -5.18 -18.94
C MET B 463 -14.77 -6.67 -18.99
N SER B 464 -15.41 -7.36 -19.93
CA SER B 464 -15.28 -8.80 -20.04
C SER B 464 -14.17 -9.17 -21.01
N TYR B 465 -13.65 -10.38 -20.85
CA TYR B 465 -12.74 -10.93 -21.83
C TYR B 465 -13.48 -11.27 -23.10
N GLU B 466 -14.60 -11.98 -22.98
CA GLU B 466 -15.46 -12.18 -24.14
C GLU B 466 -15.94 -10.85 -24.69
N GLY B 467 -16.08 -9.84 -23.82
CA GLY B 467 -16.31 -8.48 -24.30
C GLY B 467 -15.22 -8.04 -25.26
N CYS B 468 -13.96 -8.33 -24.91
CA CYS B 468 -12.84 -7.91 -25.72
C CYS B 468 -12.80 -8.63 -27.07
N LYS B 469 -13.26 -9.88 -27.13
CA LYS B 469 -13.15 -10.61 -28.38
C LYS B 469 -14.12 -10.11 -29.43
N ARG B 470 -15.17 -9.41 -29.02
CA ARG B 470 -16.17 -8.90 -29.96
C ARG B 470 -15.71 -7.65 -30.68
N LYS B 471 -14.69 -6.96 -30.18
CA LYS B 471 -14.25 -5.71 -30.77
C LYS B 471 -12.90 -5.77 -31.44
N PHE B 472 -12.01 -6.67 -31.01
CA PHE B 472 -10.70 -6.76 -31.64
C PHE B 472 -10.19 -8.18 -31.51
N ASP B 473 -9.16 -8.52 -32.29
CA ASP B 473 -8.67 -9.90 -32.30
C ASP B 473 -7.80 -10.10 -31.08
N VAL B 474 -8.42 -10.65 -30.03
CA VAL B 474 -7.69 -10.89 -28.79
C VAL B 474 -6.52 -11.82 -29.05
N LYS B 475 -6.71 -12.80 -29.94
CA LYS B 475 -5.68 -13.82 -30.14
C LYS B 475 -4.41 -13.21 -30.74
N LEU B 476 -4.54 -12.38 -31.77
CA LEU B 476 -3.33 -11.77 -32.33
C LEU B 476 -2.67 -10.83 -31.33
N TYR B 477 -3.40 -10.36 -30.31
CA TYR B 477 -2.74 -9.59 -29.27
C TYR B 477 -1.89 -10.49 -28.38
N ILE B 478 -2.42 -11.65 -27.99
CA ILE B 478 -1.72 -12.53 -27.06
C ILE B 478 -0.44 -13.09 -27.68
N GLU B 479 -0.51 -13.60 -28.92
CA GLU B 479 0.69 -14.17 -29.55
C GLU B 479 1.82 -13.14 -29.65
N LYS B 480 1.48 -11.88 -29.93
CA LYS B 480 2.47 -10.82 -30.03
C LYS B 480 3.29 -10.69 -28.74
N TYR B 481 2.62 -10.55 -27.59
CA TYR B 481 3.27 -10.32 -26.29
C TYR B 481 3.14 -11.54 -25.40
N SER B 482 3.89 -12.60 -25.74
CA SER B 482 3.84 -13.81 -24.91
C SER B 482 5.15 -14.60 -24.89
N ALA B 483 6.21 -14.13 -25.54
CA ALA B 483 7.54 -14.71 -25.37
C ALA B 483 8.01 -14.66 -23.93
N LEU B 484 7.34 -13.87 -23.08
CA LEU B 484 7.42 -14.02 -21.62
C LEU B 484 8.85 -13.72 -21.14
S SO4 G . 15.18 -10.95 8.57
O1 SO4 G . 15.43 -11.11 7.16
O2 SO4 G . 13.76 -10.71 8.85
O3 SO4 G . 15.58 -12.23 9.12
O4 SO4 G . 16.13 -9.93 9.06
PA FDA H . 2.06 -6.70 27.19
O1A FDA H . 2.56 -7.68 28.17
O2A FDA H . 2.08 -5.28 27.57
O5B FDA H . 0.55 -7.08 26.89
C5B FDA H . 0.11 -8.45 26.93
C4B FDA H . -0.74 -8.72 25.71
O4B FDA H . -1.80 -7.74 25.64
C3B FDA H . -0.05 -8.56 24.36
O3B FDA H . 0.78 -9.67 24.03
C2B FDA H . -1.24 -8.45 23.43
O2B FDA H . -1.87 -9.68 23.10
C1B FDA H . -2.19 -7.59 24.28
N9A FDA H . -2.13 -6.19 23.93
C8A FDA H . -1.35 -5.21 24.48
N7A FDA H . -1.48 -4.03 23.93
C5A FDA H . -2.41 -4.24 22.94
C6A FDA H . -2.90 -3.41 21.90
N6A FDA H . -2.73 -2.08 21.89
N1A FDA H . -3.70 -3.97 20.96
C2A FDA H . -4.02 -5.27 21.07
N3A FDA H . -3.64 -6.15 22.01
C4A FDA H . -2.83 -5.57 22.92
N1 FDA H . 0.34 -6.39 18.77
C2 FDA H . 0.52 -7.57 18.16
O2 FDA H . 0.30 -8.66 18.74
N3 FDA H . 0.99 -7.61 16.86
C4 FDA H . 1.32 -6.51 16.08
O4 FDA H . 1.71 -6.67 14.93
C4X FDA H . 1.15 -5.24 16.79
N5 FDA H . 1.55 -4.06 16.22
C5X FDA H . 1.25 -2.85 16.86
C6 FDA H . 1.55 -1.63 16.26
C7 FDA H . 1.16 -0.43 16.83
C7M FDA H . 1.46 0.88 16.13
C8 FDA H . 0.48 -0.44 18.05
C8M FDA H . 0.07 0.84 18.73
C9 FDA H . 0.18 -1.66 18.66
C9A FDA H . 0.57 -2.85 18.09
N10 FDA H . 0.34 -4.10 18.74
C10 FDA H . 0.64 -5.28 18.07
C1' FDA H . -0.18 -4.14 20.12
C2' FDA H . 0.86 -4.11 21.25
O2' FDA H . 1.86 -3.16 20.95
C3' FDA H . 1.53 -5.49 21.37
O3' FDA H . 0.49 -6.47 21.31
C4' FDA H . 2.38 -5.68 22.64
O4' FDA H . 3.31 -4.62 22.84
C5' FDA H . 3.17 -6.96 22.57
O5' FDA H . 4.12 -7.08 23.64
P FDA H . 3.77 -7.84 25.00
O1P FDA H . 5.06 -7.90 25.71
O2P FDA H . 3.01 -9.09 24.80
O3P FDA H . 2.76 -6.84 25.75
PA FDA I . -3.60 8.64 -27.73
O1A FDA I . -2.90 9.11 -28.95
O2A FDA I . -4.86 7.87 -27.86
O5B FDA I . -3.94 9.94 -26.86
C5B FDA I . -3.21 11.16 -27.01
C4B FDA I . -3.13 11.76 -25.63
O4B FDA I . -4.45 11.80 -25.05
C3B FDA I . -2.33 10.93 -24.64
O3B FDA I . -0.92 11.05 -24.85
C2B FDA I . -2.86 11.47 -23.30
O2B FDA I . -2.22 12.63 -22.76
C1B FDA I . -4.33 11.80 -23.64
N9A FDA I . -5.25 10.82 -23.07
C8A FDA I . -5.85 9.78 -23.73
N7A FDA I . -6.60 9.03 -22.96
C5A FDA I . -6.49 9.63 -21.71
C6A FDA I . -7.04 9.31 -20.45
N6A FDA I . -7.90 8.32 -20.25
N1A FDA I . -6.70 10.10 -19.41
C2A FDA I . -5.90 11.14 -19.62
N3A FDA I . -5.32 11.53 -20.76
C4A FDA I . -5.66 10.74 -21.78
N1 FDA I . -1.73 8.38 -19.45
C2 FDA I . -0.53 8.93 -19.21
O2 FDA I . -0.10 9.90 -19.87
N3 FDA I . 0.27 8.42 -18.19
C4 FDA I . -0.07 7.35 -17.38
O4 FDA I . 0.70 6.98 -16.50
C4X FDA I . -1.34 6.79 -17.69
N5 FDA I . -1.77 5.74 -16.98
C5X FDA I . -3.06 5.23 -17.16
C6 FDA I . -3.50 4.17 -16.37
C7 FDA I . -4.72 3.56 -16.62
C7M FDA I . -5.15 2.38 -15.78
C8 FDA I . -5.54 4.04 -17.67
C8M FDA I . -6.88 3.42 -17.95
C9 FDA I . -5.09 5.11 -18.45
C9A FDA I . -3.86 5.70 -18.20
N10 FDA I . -3.37 6.80 -18.98
C10 FDA I . -2.12 7.34 -18.70
C1' FDA I . -4.21 7.42 -20.02
C2' FDA I . -4.17 6.92 -21.48
O2' FDA I . -4.68 5.59 -21.59
C3' FDA I . -2.74 7.04 -22.02
O3' FDA I . -2.31 8.37 -21.77
C4' FDA I . -2.63 6.81 -23.54
O4' FDA I . -2.93 5.48 -23.96
C5' FDA I . -1.23 7.18 -24.02
O5' FDA I . -1.01 6.66 -25.34
P FDA I . -1.03 7.63 -26.60
O1P FDA I . -0.34 8.87 -26.21
O2P FDA I . -0.54 6.87 -27.77
O3P FDA I . -2.60 7.86 -26.74
#